data_5C9A
#
_entry.id   5C9A
#
_cell.length_a   491.400
_cell.length_b   491.400
_cell.length_c   708.900
_cell.angle_alpha   90.00
_cell.angle_beta   90.00
_cell.angle_gamma   90.00
#
_symmetry.space_group_name_H-M   'P 41 21 2'
#
loop_
_entity.id
_entity.type
_entity.pdbx_description
1 polymer VP1
2 polymer VP0
3 polymer VP3
4 non-polymer SPHINGOSINE
5 non-polymer 'POTASSIUM ION'
6 non-polymer 'CHLORIDE ION'
7 water water
#
loop_
_entity_poly.entity_id
_entity_poly.type
_entity_poly.pdbx_seq_one_letter_code
_entity_poly.pdbx_strand_id
1 'polypeptide(L)'
;GDPIADMIDQTVNNQVNRSLTALQVLPTAANTEASSHRLGTGVVPALQAAETGASSNASDKNLIETRCVLNHHSTQETAI
GNFFSRAGLVSIITMPTTGTQNTDGYVNWDIDLMGYAQLRRKCELFTYMRFDAEFTFVVAKPNGELVPQLLQYMYVPPGA
PKPTSRDSFAWQTATNPSVFVKMTDPPAQVSVPFMSPASAYQWFYDGYPTFGEHLQANDLDYGQCPNNMMGTFSIRTVGI
EKSPHSITLRVYMRIKHVRAWIPRPLRNQPYLFKTNPNYKGNDIKCTSTSRDKITTL
;
A
2 'polypeptide(L)'
;MGSQVSTQRSGSHENSNSASEGSTINYTTINYYKDAYAASAGRQDMSQDPKKFTDPVMDVIHEMAPPLKSPSAEACGYSD
RVAQLTIGNSTITTQEAANIVIAYGEWPEYCPDTDATAVDKPTRPDVSVNRFFTLDTKSWAKDSKGWYWKFPDVLTEVGV
FGQNAQFHYLYRSGFCVHVQCNASKFHQGALLVAVLPEYVLGTIAGGTGNENSHPPYATTQPGQVGAVLTHPYVLDAGIP
LSQLTVCPHQWINLRTNNCATIIVPYMNTVPFDSALNHCNFGLLVIPVVPLDFNTGATSEIPITVTIAPMCAEFAGLRQA
VKQ
;
B
3 'polypeptide(L)'
;GIPTELKPGTNQFLTTDDGVSAPILPGFHPTPPIHIPGEVHNLLEICRVETILEVNNLKTNETTPMQRLCFPVSVQSKTG
ELCAAFRADPGRDGPWQSTILGQLCRYYTQWSGSLEVTFMFAGSFMATGKMLIAYTPPGGNVPADRITAMLGTHVIWDFG
LQSSVTLVVPWISNTHYRAHARAGYFDYYTTGIITIWYQTNYVVPIGAPTTAYIVALAAAQDNFTMKLCKDTEDIEQTAN
IQ
;
C
#
# COMPACT_ATOMS: atom_id res chain seq x y z
N ASP A 2 43.67 14.39 15.20
CA ASP A 2 43.47 15.49 16.19
C ASP A 2 43.76 16.89 15.65
N PRO A 3 44.71 17.02 14.69
CA PRO A 3 45.02 18.34 14.13
C PRO A 3 43.96 18.91 13.18
N ILE A 4 42.77 18.31 13.19
CA ILE A 4 41.63 18.73 12.36
C ILE A 4 40.34 18.53 13.19
N ALA A 5 39.58 19.62 13.40
CA ALA A 5 38.36 19.59 14.21
C ALA A 5 37.07 19.12 13.53
N ASP A 6 37.06 19.05 12.20
CA ASP A 6 35.86 18.61 11.49
C ASP A 6 35.84 17.09 11.23
N MET A 7 36.69 16.36 11.95
CA MET A 7 36.76 14.90 11.84
C MET A 7 36.60 14.25 13.22
N ILE A 8 36.05 15.01 14.16
CA ILE A 8 35.82 14.54 15.53
C ILE A 8 34.37 14.78 15.96
N SER A 19 15.43 7.30 14.28
CA SER A 19 14.12 6.74 14.54
C SER A 19 13.55 7.14 15.91
N LEU A 20 12.43 7.87 15.91
CA LEU A 20 11.79 8.32 17.16
C LEU A 20 10.61 7.44 17.61
N THR A 21 9.88 6.84 16.66
CA THR A 21 8.73 5.99 16.99
C THR A 21 9.07 4.53 17.34
N ALA A 22 8.36 3.96 18.31
CA ALA A 22 8.59 2.58 18.75
C ALA A 22 7.28 1.77 18.88
N LEU A 23 7.41 0.46 19.12
CA LEU A 23 6.27 -0.45 19.26
C LEU A 23 5.55 -0.44 20.62
N GLN A 24 4.34 -0.99 20.63
CA GLN A 24 3.50 -1.10 21.83
C GLN A 24 2.54 -2.29 21.63
N VAL A 25 2.32 -3.07 22.69
CA VAL A 25 1.41 -4.24 22.62
C VAL A 25 -0.02 -3.88 23.05
N LEU A 26 -0.95 -3.86 22.09
CA LEU A 26 -2.37 -3.54 22.34
C LEU A 26 -3.29 -4.74 22.01
N PRO A 27 -3.59 -5.59 23.00
CA PRO A 27 -4.45 -6.78 22.83
C PRO A 27 -5.95 -6.50 22.58
N THR A 28 -6.46 -5.41 23.15
CA THR A 28 -7.87 -5.03 22.97
C THR A 28 -7.95 -3.56 22.57
N ALA A 29 -9.08 -3.17 21.98
CA ALA A 29 -9.30 -1.80 21.54
C ALA A 29 -9.21 -0.81 22.70
N ALA A 30 -8.75 0.40 22.41
CA ALA A 30 -8.62 1.45 23.42
C ALA A 30 -10.01 1.73 23.99
N ASN A 31 -10.05 2.19 25.25
CA ASN A 31 -11.32 2.50 25.90
C ASN A 31 -11.78 3.94 25.66
N THR A 32 -12.89 4.30 26.30
CA THR A 32 -13.47 5.64 26.22
C THR A 32 -13.64 6.14 27.66
N GLU A 33 -13.25 7.40 27.91
CA GLU A 33 -13.36 8.00 29.24
C GLU A 33 -14.42 9.11 29.25
N ALA A 34 -14.99 9.37 30.42
CA ALA A 34 -16.04 10.40 30.55
C ALA A 34 -15.52 11.85 30.45
N SER A 35 -16.40 12.76 30.01
CA SER A 35 -16.05 14.19 29.88
C SER A 35 -17.28 15.11 30.03
N SER A 36 -17.05 16.43 30.08
CA SER A 36 -18.14 17.40 30.24
C SER A 36 -18.01 18.76 29.54
N HIS A 37 -18.85 19.71 29.96
CA HIS A 37 -18.91 21.07 29.39
C HIS A 37 -17.76 22.02 29.71
N ARG A 38 -16.69 21.96 28.92
CA ARG A 38 -15.54 22.81 29.13
C ARG A 38 -15.45 23.85 28.01
N VAL A 43 -6.75 25.94 24.02
CA VAL A 43 -6.86 24.51 23.73
C VAL A 43 -7.79 24.31 22.52
N VAL A 44 -7.21 23.97 21.36
CA VAL A 44 -7.99 23.76 20.14
C VAL A 44 -7.68 22.42 19.45
N PRO A 45 -8.31 21.31 19.93
CA PRO A 45 -8.12 19.95 19.39
C PRO A 45 -9.13 19.44 18.34
N ALA A 46 -10.12 20.26 17.99
CA ALA A 46 -11.13 19.87 16.98
C ALA A 46 -10.65 20.22 15.58
N LEU A 47 -9.96 21.36 15.48
CA LEU A 47 -9.40 21.85 14.21
C LEU A 47 -8.01 21.26 14.00
N GLN A 48 -7.83 20.50 12.91
CA GLN A 48 -6.54 19.88 12.60
C GLN A 48 -5.80 20.57 11.45
N ALA A 49 -4.49 20.39 11.43
CA ALA A 49 -3.67 20.94 10.36
C ALA A 49 -3.28 19.73 9.52
N ALA A 50 -4.23 19.20 8.76
CA ALA A 50 -4.00 18.03 7.92
C ALA A 50 -3.08 18.30 6.73
N GLU A 51 -2.60 19.55 6.62
CA GLU A 51 -1.68 19.95 5.54
C GLU A 51 -0.30 19.32 5.78
N THR A 52 -0.04 18.99 7.05
CA THR A 52 1.24 18.39 7.46
C THR A 52 1.48 16.96 6.96
N GLY A 53 0.41 16.20 6.76
CA GLY A 53 0.54 14.82 6.31
C GLY A 53 0.35 13.91 7.51
N ALA A 54 -0.41 14.41 8.48
CA ALA A 54 -0.70 13.69 9.71
C ALA A 54 -2.20 13.43 9.84
N SER A 55 -2.54 12.33 10.50
CA SER A 55 -3.93 11.93 10.72
C SER A 55 -4.38 12.49 12.06
N SER A 56 -5.59 13.06 12.06
CA SER A 56 -6.16 13.66 13.26
C SER A 56 -6.01 12.82 14.52
N ASN A 57 -5.40 13.45 15.53
CA ASN A 57 -5.18 12.83 16.82
C ASN A 57 -6.31 13.23 17.77
N ALA A 58 -7.45 13.61 17.19
CA ALA A 58 -8.63 14.01 17.96
C ALA A 58 -9.54 12.79 18.10
N SER A 59 -9.99 12.52 19.32
CA SER A 59 -10.87 11.37 19.59
C SER A 59 -12.22 11.81 20.19
N ASP A 60 -13.06 10.84 20.54
CA ASP A 60 -14.40 11.09 21.10
C ASP A 60 -14.44 12.15 22.19
N LYS A 61 -13.73 11.91 23.31
CA LYS A 61 -13.67 12.82 24.46
C LYS A 61 -13.46 14.30 24.11
N ASN A 62 -12.90 14.59 22.94
CA ASN A 62 -12.64 15.97 22.51
C ASN A 62 -13.86 16.68 21.91
N LEU A 63 -14.54 16.00 20.97
CA LEU A 63 -15.70 16.58 20.28
C LEU A 63 -17.10 16.37 20.91
N ILE A 64 -17.23 15.48 21.89
CA ILE A 64 -18.52 15.24 22.54
C ILE A 64 -18.39 14.81 24.00
N GLU A 65 -19.51 14.75 24.70
CA GLU A 65 -19.51 14.30 26.09
C GLU A 65 -19.68 12.79 26.00
N THR A 66 -18.79 12.05 26.67
CA THR A 66 -18.81 10.60 26.62
C THR A 66 -19.01 9.91 27.99
N ARG A 67 -19.24 8.60 27.93
CA ARG A 67 -19.43 7.75 29.12
C ARG A 67 -18.20 6.85 29.15
N CYS A 68 -17.95 6.18 30.26
CA CYS A 68 -16.81 5.28 30.33
C CYS A 68 -17.26 3.95 29.71
N VAL A 69 -16.43 3.37 28.84
CA VAL A 69 -16.75 2.10 28.21
C VAL A 69 -15.53 1.19 28.32
N LEU A 70 -15.68 0.06 28.99
CA LEU A 70 -14.58 -0.88 29.12
C LEU A 70 -14.67 -1.81 27.90
N ASN A 71 -13.89 -1.44 26.88
CA ASN A 71 -13.81 -2.10 25.58
C ASN A 71 -12.80 -3.25 25.59
N HIS A 72 -13.32 -4.48 25.47
CA HIS A 72 -12.48 -5.67 25.45
C HIS A 72 -12.42 -6.29 24.06
N HIS A 73 -12.72 -5.51 23.03
CA HIS A 73 -12.68 -6.00 21.65
C HIS A 73 -11.22 -6.36 21.31
N SER A 74 -10.99 -7.56 20.79
CA SER A 74 -9.62 -8.01 20.47
C SER A 74 -9.11 -7.64 19.08
N THR A 75 -7.83 -7.28 19.02
CA THR A 75 -7.18 -6.90 17.77
C THR A 75 -6.34 -8.04 17.20
N GLN A 76 -6.51 -9.24 17.73
CA GLN A 76 -5.70 -10.35 17.26
C GLN A 76 -6.02 -10.79 15.84
N GLU A 77 -7.28 -10.68 15.41
CA GLU A 77 -7.62 -11.14 14.07
C GLU A 77 -7.12 -10.25 12.94
N THR A 78 -6.74 -9.01 13.25
CA THR A 78 -6.25 -8.12 12.21
C THR A 78 -4.72 -8.12 12.13
N ALA A 79 -4.10 -9.07 12.82
CA ALA A 79 -2.64 -9.22 12.79
C ALA A 79 -2.35 -9.77 11.40
N ILE A 80 -1.36 -9.21 10.71
CA ILE A 80 -1.08 -9.68 9.35
C ILE A 80 -0.95 -11.19 9.22
N GLY A 81 -0.55 -11.86 10.29
CA GLY A 81 -0.44 -13.31 10.23
C GLY A 81 -1.77 -14.01 10.03
N ASN A 82 -2.82 -13.58 10.74
CA ASN A 82 -4.13 -14.21 10.61
C ASN A 82 -4.81 -13.81 9.31
N PHE A 83 -4.35 -12.71 8.75
CA PHE A 83 -4.89 -12.19 7.50
C PHE A 83 -4.34 -12.96 6.29
N PHE A 84 -3.07 -13.36 6.35
CA PHE A 84 -2.42 -14.07 5.26
C PHE A 84 -2.37 -15.57 5.37
N SER A 85 -2.26 -16.10 6.59
CA SER A 85 -2.14 -17.53 6.77
C SER A 85 -3.46 -18.27 6.54
N ARG A 86 -3.96 -18.14 5.31
CA ARG A 86 -5.20 -18.78 4.88
C ARG A 86 -4.86 -19.26 3.48
N ALA A 87 -4.81 -20.57 3.30
CA ALA A 87 -4.48 -21.18 2.01
C ALA A 87 -5.34 -20.65 0.88
N GLY A 88 -4.68 -20.24 -0.20
CA GLY A 88 -5.38 -19.72 -1.37
C GLY A 88 -4.85 -20.33 -2.65
N LEU A 89 -5.71 -20.37 -3.68
CA LEU A 89 -5.32 -20.93 -4.98
C LEU A 89 -4.31 -20.03 -5.69
N VAL A 90 -3.18 -20.61 -6.08
CA VAL A 90 -2.13 -19.86 -6.79
C VAL A 90 -1.80 -20.46 -8.15
N SER A 91 -2.37 -21.63 -8.43
CA SER A 91 -2.10 -22.27 -9.71
C SER A 91 -2.98 -23.47 -10.03
N ILE A 92 -3.27 -23.64 -11.32
CA ILE A 92 -4.05 -24.77 -11.80
C ILE A 92 -3.28 -25.32 -12.98
N ILE A 93 -2.82 -26.55 -12.83
CA ILE A 93 -2.03 -27.21 -13.85
C ILE A 93 -2.80 -28.40 -14.41
N THR A 94 -2.88 -28.49 -15.73
CA THR A 94 -3.62 -29.59 -16.36
C THR A 94 -2.77 -30.41 -17.31
N MET A 95 -2.99 -31.73 -17.25
CA MET A 95 -2.29 -32.66 -18.12
C MET A 95 -3.37 -33.51 -18.77
N PRO A 96 -3.86 -33.06 -19.94
CA PRO A 96 -4.90 -33.80 -20.65
C PRO A 96 -4.26 -34.91 -21.50
N THR A 97 -5.07 -35.90 -21.89
CA THR A 97 -4.58 -37.01 -22.69
C THR A 97 -4.81 -36.81 -24.19
N THR A 98 -5.90 -36.13 -24.54
CA THR A 98 -6.24 -35.86 -25.93
C THR A 98 -6.30 -34.36 -26.20
N GLY A 99 -5.34 -33.85 -26.97
CA GLY A 99 -5.36 -32.43 -27.26
C GLY A 99 -4.06 -31.78 -27.65
N THR A 100 -4.00 -30.47 -27.41
CA THR A 100 -2.85 -29.65 -27.72
C THR A 100 -1.91 -29.40 -26.53
N GLN A 101 -2.47 -29.46 -25.32
CA GLN A 101 -1.67 -29.23 -24.12
C GLN A 101 -0.45 -30.15 -23.96
N ASN A 102 -0.56 -31.16 -23.11
CA ASN A 102 0.56 -32.08 -22.91
C ASN A 102 0.22 -33.56 -22.93
N THR A 103 0.08 -34.09 -24.15
CA THR A 103 -0.20 -35.51 -24.33
C THR A 103 1.13 -36.22 -24.12
N ASP A 104 2.03 -35.56 -23.40
CA ASP A 104 3.37 -36.06 -23.10
C ASP A 104 3.43 -36.73 -21.74
N GLY A 105 2.47 -36.43 -20.87
CA GLY A 105 2.45 -37.04 -19.55
C GLY A 105 3.24 -36.30 -18.48
N TYR A 106 3.79 -35.15 -18.81
CA TYR A 106 4.54 -34.34 -17.85
C TYR A 106 4.31 -32.87 -18.13
N VAL A 107 4.61 -32.02 -17.15
CA VAL A 107 4.44 -30.58 -17.28
C VAL A 107 5.45 -29.81 -16.45
N ASN A 108 6.02 -28.76 -17.04
CA ASN A 108 6.95 -27.91 -16.33
C ASN A 108 6.26 -26.57 -16.17
N TRP A 109 6.13 -26.11 -14.93
CA TRP A 109 5.47 -24.84 -14.67
C TRP A 109 6.39 -23.82 -14.00
N ASP A 110 6.58 -22.67 -14.66
CA ASP A 110 7.40 -21.62 -14.08
C ASP A 110 6.61 -21.07 -12.92
N ILE A 111 7.26 -20.98 -11.78
CA ILE A 111 6.60 -20.52 -10.59
C ILE A 111 6.33 -19.01 -10.60
N ASP A 112 5.05 -18.68 -10.65
CA ASP A 112 4.55 -17.31 -10.65
C ASP A 112 3.18 -17.41 -9.98
N LEU A 113 3.08 -16.84 -8.78
CA LEU A 113 1.83 -16.92 -8.03
C LEU A 113 0.85 -15.78 -8.31
N MET A 114 1.23 -14.90 -9.22
CA MET A 114 0.40 -13.75 -9.53
C MET A 114 -0.72 -13.97 -10.54
N GLY A 115 -1.10 -15.23 -10.77
CA GLY A 115 -2.15 -15.50 -11.74
C GLY A 115 -3.56 -15.50 -11.20
N TYR A 116 -3.72 -15.32 -9.88
CA TYR A 116 -5.04 -15.33 -9.28
C TYR A 116 -5.20 -14.14 -8.36
N ALA A 117 -6.20 -13.33 -8.68
CA ALA A 117 -6.47 -12.08 -7.97
C ALA A 117 -6.67 -12.09 -6.47
N GLN A 118 -7.61 -12.89 -5.98
CA GLN A 118 -7.88 -12.89 -4.55
C GLN A 118 -6.61 -12.81 -3.71
N LEU A 119 -5.68 -13.73 -3.95
CA LEU A 119 -4.43 -13.72 -3.20
C LEU A 119 -3.53 -12.56 -3.59
N ARG A 120 -3.35 -12.38 -4.89
CA ARG A 120 -2.50 -11.30 -5.38
C ARG A 120 -2.84 -9.94 -4.77
N ARG A 121 -4.11 -9.54 -4.84
CA ARG A 121 -4.49 -8.24 -4.30
C ARG A 121 -4.09 -8.10 -2.84
N LYS A 122 -4.25 -9.17 -2.06
CA LYS A 122 -3.87 -9.14 -0.64
C LYS A 122 -2.38 -8.85 -0.49
N CYS A 123 -1.54 -9.61 -1.18
CA CYS A 123 -0.10 -9.36 -1.09
C CYS A 123 0.32 -7.99 -1.57
N GLU A 124 -0.27 -7.52 -2.67
CA GLU A 124 0.10 -6.23 -3.23
C GLU A 124 -0.32 -5.07 -2.34
N LEU A 125 -0.77 -5.38 -1.14
CA LEU A 125 -1.14 -4.35 -0.18
C LEU A 125 0.18 -3.85 0.38
N PHE A 126 1.18 -4.71 0.28
CA PHE A 126 2.52 -4.39 0.76
C PHE A 126 3.51 -4.41 -0.37
N THR A 127 4.62 -3.70 -0.17
CA THR A 127 5.66 -3.63 -1.18
C THR A 127 6.62 -4.78 -1.02
N TYR A 128 6.98 -5.07 0.23
CA TYR A 128 7.90 -6.16 0.51
C TYR A 128 7.30 -7.13 1.51
N MET A 129 7.57 -8.41 1.31
CA MET A 129 7.07 -9.43 2.21
C MET A 129 8.07 -10.55 2.33
N ARG A 130 8.21 -11.06 3.55
CA ARG A 130 9.13 -12.15 3.83
C ARG A 130 8.34 -13.20 4.58
N PHE A 131 8.43 -14.45 4.13
CA PHE A 131 7.68 -15.52 4.78
C PHE A 131 8.06 -16.92 4.33
N ASP A 132 7.55 -17.89 5.08
CA ASP A 132 7.73 -19.31 4.78
C ASP A 132 6.35 -19.65 4.23
N ALA A 133 6.18 -20.87 3.74
CA ALA A 133 4.87 -21.22 3.18
C ALA A 133 4.54 -22.70 3.20
N GLU A 134 3.25 -22.99 3.23
CA GLU A 134 2.78 -24.35 3.22
C GLU A 134 2.02 -24.54 1.92
N PHE A 135 2.51 -25.45 1.09
CA PHE A 135 1.87 -25.73 -0.19
C PHE A 135 1.10 -27.01 -0.10
N THR A 136 -0.13 -26.98 -0.61
CA THR A 136 -0.99 -28.15 -0.60
C THR A 136 -1.37 -28.47 -2.04
N PHE A 137 -1.25 -29.73 -2.39
CA PHE A 137 -1.54 -30.19 -3.74
C PHE A 137 -2.78 -31.04 -3.85
N VAL A 138 -3.84 -30.40 -4.34
CA VAL A 138 -5.13 -31.04 -4.54
C VAL A 138 -5.21 -31.49 -5.99
N VAL A 139 -5.24 -32.79 -6.20
CA VAL A 139 -5.30 -33.34 -7.55
C VAL A 139 -6.50 -34.26 -7.78
N ALA A 140 -7.03 -34.24 -8.99
CA ALA A 140 -8.19 -35.06 -9.35
C ALA A 140 -8.37 -35.03 -10.86
N LYS A 141 -9.40 -35.73 -11.35
CA LYS A 141 -9.69 -35.71 -12.79
C LYS A 141 -10.42 -34.39 -13.01
N PRO A 142 -10.52 -33.94 -14.26
CA PRO A 142 -11.20 -32.69 -14.56
C PRO A 142 -12.66 -32.59 -14.12
N ASN A 143 -13.29 -33.71 -13.82
CA ASN A 143 -14.69 -33.70 -13.39
C ASN A 143 -14.79 -33.87 -11.89
N GLY A 144 -13.65 -34.01 -11.24
CA GLY A 144 -13.63 -34.17 -9.80
C GLY A 144 -13.48 -35.61 -9.34
N GLU A 145 -13.53 -36.56 -10.28
CA GLU A 145 -13.38 -37.96 -9.92
C GLU A 145 -11.93 -38.29 -9.63
N LEU A 146 -11.74 -39.36 -8.87
CA LEU A 146 -10.40 -39.79 -8.50
C LEU A 146 -10.13 -41.20 -9.00
N VAL A 147 -8.89 -41.48 -9.33
CA VAL A 147 -8.48 -42.80 -9.82
C VAL A 147 -7.10 -43.16 -9.28
N PRO A 148 -6.81 -44.46 -9.16
CA PRO A 148 -5.53 -44.98 -8.66
C PRO A 148 -4.36 -44.66 -9.58
N GLN A 149 -3.94 -43.41 -9.57
CA GLN A 149 -2.86 -42.95 -10.42
C GLN A 149 -1.72 -42.43 -9.56
N LEU A 150 -0.51 -42.89 -9.84
CA LEU A 150 0.67 -42.46 -9.11
C LEU A 150 1.28 -41.22 -9.77
N LEU A 151 1.60 -40.20 -8.97
CA LEU A 151 2.17 -38.97 -9.51
C LEU A 151 3.47 -38.60 -8.81
N GLN A 152 4.26 -37.75 -9.47
CA GLN A 152 5.49 -37.26 -8.89
C GLN A 152 5.58 -35.74 -9.10
N TYR A 153 5.75 -35.00 -8.01
CA TYR A 153 5.90 -33.55 -8.12
C TYR A 153 7.36 -33.31 -7.74
N MET A 154 8.05 -32.46 -8.49
CA MET A 154 9.44 -32.19 -8.18
C MET A 154 9.75 -30.71 -8.29
N TYR A 155 10.54 -30.21 -7.34
CA TYR A 155 10.91 -28.80 -7.38
C TYR A 155 12.26 -28.68 -8.10
N VAL A 156 12.26 -27.91 -9.18
CA VAL A 156 13.47 -27.72 -9.97
C VAL A 156 13.96 -26.29 -9.83
N PRO A 157 14.89 -26.07 -8.88
CA PRO A 157 15.45 -24.74 -8.62
C PRO A 157 16.16 -24.20 -9.84
N PRO A 158 16.35 -22.88 -9.89
CA PRO A 158 17.03 -22.23 -11.02
C PRO A 158 18.41 -22.84 -11.24
N GLY A 159 18.64 -23.39 -12.42
CA GLY A 159 19.94 -23.98 -12.71
C GLY A 159 19.84 -25.49 -12.85
N ALA A 160 18.90 -26.09 -12.14
CA ALA A 160 18.70 -27.53 -12.19
C ALA A 160 18.11 -27.89 -13.55
N PRO A 161 18.51 -29.03 -14.11
CA PRO A 161 17.99 -29.46 -15.41
C PRO A 161 16.50 -29.80 -15.37
N LYS A 162 15.72 -29.21 -16.27
CA LYS A 162 14.27 -29.47 -16.36
C LYS A 162 13.99 -30.74 -17.15
N PRO A 163 12.99 -31.53 -16.73
CA PRO A 163 12.67 -32.76 -17.46
C PRO A 163 12.23 -32.41 -18.89
N THR A 164 12.75 -33.15 -19.86
CA THR A 164 12.39 -32.93 -21.25
C THR A 164 11.36 -33.96 -21.69
N SER A 165 11.07 -34.91 -20.79
CA SER A 165 10.11 -35.96 -21.07
C SER A 165 9.69 -36.66 -19.79
N ARG A 166 8.76 -37.60 -19.92
CA ARG A 166 8.27 -38.35 -18.78
C ARG A 166 9.34 -39.36 -18.36
N ASP A 167 10.30 -39.61 -19.26
CA ASP A 167 11.39 -40.57 -19.03
C ASP A 167 12.68 -39.86 -18.61
N SER A 168 12.72 -38.54 -18.75
CA SER A 168 13.92 -37.76 -18.42
C SER A 168 14.66 -38.23 -17.17
N PHE A 169 15.97 -38.23 -17.25
CA PHE A 169 16.82 -38.65 -16.13
C PHE A 169 16.61 -37.75 -14.90
N ALA A 170 16.19 -36.51 -15.14
CA ALA A 170 15.97 -35.56 -14.05
C ALA A 170 15.00 -36.06 -12.97
N TRP A 171 14.15 -37.02 -13.32
CA TRP A 171 13.17 -37.58 -12.39
C TRP A 171 13.85 -38.54 -11.40
N GLN A 172 15.16 -38.70 -11.57
CA GLN A 172 15.95 -39.56 -10.68
C GLN A 172 15.94 -38.81 -9.35
N THR A 173 15.76 -37.49 -9.46
CA THR A 173 15.68 -36.56 -8.34
C THR A 173 16.62 -36.86 -7.16
N ALA A 174 17.90 -37.10 -7.48
CA ALA A 174 18.90 -37.43 -6.46
C ALA A 174 19.21 -36.30 -5.49
N THR A 175 18.93 -35.06 -5.90
CA THR A 175 19.19 -33.92 -5.04
C THR A 175 17.98 -32.99 -4.93
N ASN A 176 17.23 -32.83 -6.01
CA ASN A 176 16.04 -31.98 -5.96
C ASN A 176 15.04 -32.66 -5.05
N PRO A 177 14.13 -31.90 -4.45
CA PRO A 177 13.16 -32.57 -3.59
C PRO A 177 11.94 -32.96 -4.43
N SER A 178 11.51 -34.20 -4.30
CA SER A 178 10.34 -34.68 -5.03
C SER A 178 9.36 -35.32 -4.07
N VAL A 179 8.10 -35.31 -4.46
CA VAL A 179 7.05 -35.93 -3.65
C VAL A 179 6.34 -36.95 -4.53
N PHE A 180 6.12 -38.14 -4.00
CA PHE A 180 5.40 -39.18 -4.73
C PHE A 180 4.10 -39.43 -3.99
N VAL A 181 2.97 -39.30 -4.67
CA VAL A 181 1.68 -39.51 -4.03
C VAL A 181 0.63 -39.99 -5.03
N LYS A 182 -0.38 -40.70 -4.53
CA LYS A 182 -1.46 -41.21 -5.38
C LYS A 182 -2.59 -40.17 -5.41
N MET A 183 -3.33 -40.15 -6.51
CA MET A 183 -4.43 -39.20 -6.65
C MET A 183 -5.52 -39.54 -5.63
N THR A 184 -5.41 -40.74 -5.06
CA THR A 184 -6.38 -41.20 -4.07
C THR A 184 -5.98 -40.88 -2.65
N ASP A 185 -4.69 -40.66 -2.43
CA ASP A 185 -4.19 -40.32 -1.09
C ASP A 185 -4.70 -38.90 -0.83
N PRO A 186 -4.64 -38.44 0.42
CA PRO A 186 -5.11 -37.07 0.66
C PRO A 186 -4.19 -36.12 -0.10
N PRO A 187 -4.48 -34.82 -0.06
CA PRO A 187 -3.61 -33.88 -0.78
C PRO A 187 -2.21 -33.93 -0.21
N ALA A 188 -1.20 -33.84 -1.06
CA ALA A 188 0.17 -33.83 -0.56
C ALA A 188 0.36 -32.45 0.06
N GLN A 189 1.25 -32.34 1.05
CA GLN A 189 1.47 -31.05 1.72
C GLN A 189 2.87 -30.92 2.29
N VAL A 190 3.51 -29.79 2.01
CA VAL A 190 4.86 -29.57 2.49
C VAL A 190 5.13 -28.13 2.90
N SER A 191 6.22 -27.93 3.63
CA SER A 191 6.62 -26.62 4.08
C SER A 191 7.82 -26.16 3.26
N VAL A 192 7.79 -24.88 2.90
CA VAL A 192 8.84 -24.26 2.11
C VAL A 192 9.39 -23.05 2.86
N PRO A 193 10.73 -22.90 2.87
CA PRO A 193 11.39 -21.78 3.57
C PRO A 193 11.42 -20.51 2.73
N PHE A 194 11.97 -19.44 3.31
CA PHE A 194 12.07 -18.19 2.56
C PHE A 194 13.30 -18.32 1.69
N MET A 195 13.07 -18.50 0.39
CA MET A 195 14.19 -18.76 -0.52
C MET A 195 14.80 -17.66 -1.34
N SER A 196 14.34 -16.44 -1.22
CA SER A 196 14.95 -15.40 -2.04
C SER A 196 16.39 -15.16 -1.61
N PRO A 197 17.21 -14.69 -2.56
CA PRO A 197 18.61 -14.39 -2.26
C PRO A 197 18.66 -12.98 -1.66
N ALA A 198 17.50 -12.31 -1.66
CA ALA A 198 17.36 -10.97 -1.09
C ALA A 198 16.73 -11.13 0.29
N SER A 199 16.60 -10.04 1.03
CA SER A 199 16.03 -10.11 2.38
C SER A 199 14.53 -10.32 2.36
N ALA A 200 13.92 -10.09 1.21
CA ALA A 200 12.47 -10.27 1.11
C ALA A 200 11.99 -10.31 -0.33
N TYR A 201 10.85 -10.95 -0.54
CA TYR A 201 10.26 -11.00 -1.86
C TYR A 201 9.69 -9.59 -2.04
N GLN A 202 9.63 -9.10 -3.27
CA GLN A 202 9.06 -7.77 -3.49
C GLN A 202 8.11 -7.82 -4.69
N TRP A 203 6.86 -7.44 -4.44
CA TRP A 203 5.83 -7.44 -5.48
C TRP A 203 6.01 -6.34 -6.50
N PHE A 204 6.84 -5.35 -6.17
CA PHE A 204 7.09 -4.24 -7.06
C PHE A 204 8.56 -3.91 -7.12
N TYR A 205 9.10 -3.94 -8.33
CA TYR A 205 10.50 -3.64 -8.57
C TYR A 205 10.58 -2.58 -9.68
N ASP A 206 10.68 -1.33 -9.27
CA ASP A 206 10.76 -0.20 -10.19
C ASP A 206 12.14 -0.12 -10.84
N GLY A 207 12.44 -1.05 -11.72
CA GLY A 207 13.73 -1.06 -12.38
C GLY A 207 13.91 -2.17 -13.40
N TYR A 208 15.14 -2.32 -13.88
CA TYR A 208 15.47 -3.34 -14.88
C TYR A 208 16.41 -4.35 -14.23
N PRO A 209 16.41 -5.61 -14.72
CA PRO A 209 17.30 -6.60 -14.12
C PRO A 209 18.76 -6.51 -14.52
N THR A 210 19.04 -5.91 -15.68
CA THR A 210 20.43 -5.81 -16.13
C THR A 210 20.79 -4.43 -16.65
N PHE A 211 22.07 -4.26 -16.93
CA PHE A 211 22.58 -3.01 -17.46
C PHE A 211 22.37 -3.00 -18.99
N GLY A 212 22.65 -1.87 -19.62
CA GLY A 212 22.50 -1.77 -21.06
C GLY A 212 21.43 -0.79 -21.45
N GLU A 213 21.24 -0.58 -22.74
CA GLU A 213 20.20 0.34 -23.19
C GLU A 213 18.91 -0.45 -23.15
N HIS A 214 17.82 0.23 -22.84
CA HIS A 214 16.56 -0.47 -22.73
C HIS A 214 15.61 -0.14 -23.85
N LEU A 215 15.99 -0.65 -25.01
CA LEU A 215 15.25 -0.49 -26.26
C LEU A 215 13.88 -1.09 -26.08
N GLN A 216 12.93 -0.61 -26.89
CA GLN A 216 11.56 -1.07 -26.82
C GLN A 216 11.40 -2.58 -27.02
N ALA A 217 12.41 -3.21 -27.61
CA ALA A 217 12.37 -4.66 -27.84
C ALA A 217 12.50 -5.40 -26.51
N ASN A 218 13.29 -4.83 -25.60
CA ASN A 218 13.50 -5.43 -24.29
C ASN A 218 12.93 -4.55 -23.19
N ASP A 219 11.62 -4.32 -23.27
CA ASP A 219 10.91 -3.55 -22.28
C ASP A 219 10.11 -4.52 -21.44
N LEU A 220 10.10 -5.79 -21.83
CA LEU A 220 9.39 -6.80 -21.05
C LEU A 220 10.26 -7.04 -19.83
N ASP A 221 11.44 -6.42 -19.83
CA ASP A 221 12.39 -6.52 -18.73
C ASP A 221 11.92 -5.69 -17.52
N TYR A 222 11.34 -4.52 -17.81
CA TYR A 222 10.87 -3.63 -16.75
C TYR A 222 9.99 -4.30 -15.71
N GLY A 223 10.40 -4.19 -14.45
CA GLY A 223 9.63 -4.75 -13.35
C GLY A 223 9.94 -6.20 -12.99
N GLN A 224 10.80 -6.84 -13.79
CA GLN A 224 11.15 -8.22 -13.52
C GLN A 224 12.30 -8.31 -12.52
N CYS A 225 12.02 -8.90 -11.36
CA CYS A 225 13.02 -9.03 -10.33
C CYS A 225 13.45 -10.46 -10.09
N PRO A 226 14.69 -10.79 -10.48
CA PRO A 226 15.27 -12.13 -10.33
C PRO A 226 15.12 -12.72 -8.92
N ASN A 227 15.18 -11.87 -7.91
CA ASN A 227 15.07 -12.29 -6.51
C ASN A 227 13.73 -12.94 -6.19
N ASN A 228 12.77 -12.85 -7.12
CA ASN A 228 11.44 -13.44 -6.93
C ASN A 228 11.29 -14.70 -7.78
N MET A 229 12.22 -14.91 -8.70
CA MET A 229 12.17 -16.06 -9.58
C MET A 229 12.72 -17.31 -8.89
N MET A 230 11.80 -18.15 -8.41
CA MET A 230 12.14 -19.36 -7.68
C MET A 230 12.26 -20.66 -8.48
N GLY A 231 12.35 -20.56 -9.79
CA GLY A 231 12.50 -21.77 -10.58
C GLY A 231 11.27 -22.41 -11.18
N THR A 232 11.35 -23.71 -11.37
CA THR A 232 10.29 -24.48 -11.98
C THR A 232 9.69 -25.58 -11.11
N PHE A 233 8.41 -25.85 -11.32
CA PHE A 233 7.73 -26.92 -10.60
C PHE A 233 7.32 -27.94 -11.64
N SER A 234 7.85 -29.15 -11.55
CA SER A 234 7.54 -30.19 -12.52
C SER A 234 6.68 -31.31 -11.94
N ILE A 235 5.87 -31.89 -12.82
CA ILE A 235 5.00 -32.97 -12.42
C ILE A 235 4.82 -33.98 -13.55
N ARG A 236 4.56 -35.24 -13.20
CA ARG A 236 4.37 -36.28 -14.20
C ARG A 236 3.67 -37.48 -13.61
N THR A 237 3.17 -38.35 -14.49
CA THR A 237 2.55 -39.57 -14.04
C THR A 237 3.79 -40.46 -13.95
N VAL A 238 3.82 -41.36 -12.98
CA VAL A 238 5.00 -42.19 -12.83
C VAL A 238 4.91 -43.48 -13.62
N GLY A 239 5.31 -43.41 -14.89
CA GLY A 239 5.27 -44.58 -15.73
C GLY A 239 6.04 -44.43 -17.02
N ILE A 240 6.52 -45.55 -17.56
CA ILE A 240 7.25 -45.55 -18.81
C ILE A 240 6.22 -45.32 -19.91
N GLU A 241 5.00 -45.81 -19.66
CA GLU A 241 3.88 -45.67 -20.59
C GLU A 241 2.95 -44.53 -20.24
N LYS A 242 2.25 -44.05 -21.26
CA LYS A 242 1.31 -42.94 -21.13
C LYS A 242 0.14 -43.34 -20.26
N SER A 243 -0.35 -42.40 -19.46
CA SER A 243 -1.50 -42.65 -18.60
C SER A 243 -2.74 -42.23 -19.37
N PRO A 244 -3.83 -42.99 -19.19
CA PRO A 244 -5.14 -42.77 -19.84
C PRO A 244 -5.99 -41.70 -19.17
N HIS A 245 -5.51 -41.14 -18.07
CA HIS A 245 -6.29 -40.15 -17.36
C HIS A 245 -5.89 -38.70 -17.47
N SER A 246 -6.87 -37.85 -17.71
CA SER A 246 -6.62 -36.42 -17.77
C SER A 246 -6.45 -36.06 -16.30
N ILE A 247 -5.57 -35.09 -16.03
CA ILE A 247 -5.32 -34.70 -14.65
C ILE A 247 -5.38 -33.21 -14.40
N THR A 248 -6.03 -32.83 -13.30
CA THR A 248 -6.18 -31.44 -12.88
C THR A 248 -5.54 -31.25 -11.51
N LEU A 249 -4.52 -30.38 -11.46
CA LEU A 249 -3.82 -30.11 -10.20
C LEU A 249 -4.01 -28.66 -9.74
N ARG A 250 -4.61 -28.51 -8.56
CA ARG A 250 -4.80 -27.19 -7.99
C ARG A 250 -3.82 -27.05 -6.85
N VAL A 251 -3.05 -25.98 -6.90
CA VAL A 251 -2.05 -25.70 -5.90
C VAL A 251 -2.47 -24.57 -4.98
N TYR A 252 -2.51 -24.86 -3.70
CA TYR A 252 -2.90 -23.87 -2.71
C TYR A 252 -1.70 -23.47 -1.87
N MET A 253 -1.63 -22.19 -1.53
CA MET A 253 -0.53 -21.71 -0.71
C MET A 253 -0.93 -20.99 0.55
N ARG A 254 -0.34 -21.40 1.66
CA ARG A 254 -0.65 -20.77 2.92
C ARG A 254 0.60 -20.10 3.46
N ILE A 255 0.57 -18.78 3.51
CA ILE A 255 1.70 -18.02 4.02
C ILE A 255 1.81 -18.20 5.52
N LYS A 256 3.03 -18.32 6.03
CA LYS A 256 3.24 -18.45 7.47
C LYS A 256 4.57 -17.83 7.87
N HIS A 257 4.65 -17.35 9.11
CA HIS A 257 5.87 -16.71 9.62
C HIS A 257 6.14 -15.50 8.73
N VAL A 258 5.15 -14.62 8.62
CA VAL A 258 5.27 -13.48 7.75
C VAL A 258 5.57 -12.11 8.38
N ARG A 259 6.30 -11.30 7.62
CA ARG A 259 6.64 -9.93 8.01
C ARG A 259 6.41 -9.13 6.75
N ALA A 260 5.90 -7.92 6.90
CA ALA A 260 5.60 -7.09 5.74
C ALA A 260 5.98 -5.63 5.92
N TRP A 261 6.33 -4.99 4.81
CA TRP A 261 6.73 -3.59 4.83
C TRP A 261 6.11 -2.73 3.76
N ILE A 262 5.95 -1.45 4.11
CA ILE A 262 5.46 -0.43 3.21
C ILE A 262 4.14 -0.69 2.53
N PRO A 263 3.05 -0.34 3.23
CA PRO A 263 1.71 -0.53 2.70
C PRO A 263 1.55 0.44 1.55
N ARG A 264 0.65 0.10 0.62
CA ARG A 264 0.37 0.90 -0.57
C ARG A 264 -1.09 0.75 -1.03
N PRO A 265 -1.57 1.66 -1.90
CA PRO A 265 -2.96 1.60 -2.38
C PRO A 265 -3.36 0.23 -2.90
N LEU A 266 -4.61 -0.14 -2.66
CA LEU A 266 -5.11 -1.43 -3.11
C LEU A 266 -5.59 -1.36 -4.55
N ARG A 267 -5.24 -2.39 -5.34
CA ARG A 267 -5.65 -2.46 -6.74
C ARG A 267 -7.14 -2.15 -6.86
N ASN A 268 -7.50 -1.27 -7.79
CA ASN A 268 -8.90 -0.90 -8.00
C ASN A 268 -9.30 -1.08 -9.46
N GLN A 269 -8.44 -1.75 -10.23
CA GLN A 269 -8.68 -2.05 -11.64
C GLN A 269 -8.41 -3.54 -11.83
N PRO A 270 -9.22 -4.22 -12.66
CA PRO A 270 -9.04 -5.65 -12.89
C PRO A 270 -7.62 -5.94 -13.36
N TYR A 271 -7.09 -7.10 -12.96
CA TYR A 271 -5.75 -7.50 -13.36
C TYR A 271 -5.78 -8.03 -14.79
N LEU A 272 -4.72 -7.75 -15.56
CA LEU A 272 -4.65 -8.23 -16.94
C LEU A 272 -3.50 -9.22 -17.13
N PHE A 273 -2.35 -8.91 -16.53
CA PHE A 273 -1.16 -9.75 -16.67
C PHE A 273 -0.47 -10.07 -15.35
N LYS A 274 0.14 -11.24 -15.29
CA LYS A 274 0.85 -11.70 -14.11
C LYS A 274 2.02 -10.80 -13.73
N THR A 275 2.81 -10.42 -14.73
CA THR A 275 4.02 -9.63 -14.51
C THR A 275 3.99 -8.11 -14.49
N ASN A 276 2.82 -7.49 -14.59
CA ASN A 276 2.78 -6.03 -14.55
C ASN A 276 1.42 -5.49 -14.15
N PRO A 277 1.36 -4.20 -13.78
CA PRO A 277 0.12 -3.55 -13.37
C PRO A 277 -0.71 -2.93 -14.48
N ASN A 278 -0.46 -3.35 -15.73
CA ASN A 278 -1.23 -2.81 -16.85
C ASN A 278 -2.73 -2.90 -16.58
N TYR A 279 -3.47 -1.89 -17.03
CA TYR A 279 -4.93 -1.86 -16.83
C TYR A 279 -5.64 -1.46 -18.11
N LYS A 280 -6.92 -1.83 -18.21
CA LYS A 280 -7.72 -1.51 -19.39
C LYS A 280 -8.00 0.00 -19.41
N GLY A 281 -7.26 0.72 -20.24
CA GLY A 281 -7.40 2.18 -20.34
C GLY A 281 -8.73 2.76 -20.83
N ASN A 282 -9.48 2.00 -21.61
CA ASN A 282 -10.76 2.47 -22.13
C ASN A 282 -11.86 2.38 -21.09
N ASP A 283 -11.75 1.37 -20.23
CA ASP A 283 -12.75 1.17 -19.20
C ASP A 283 -12.09 1.25 -17.82
N ILE A 284 -11.82 2.48 -17.40
CA ILE A 284 -11.21 2.74 -16.10
C ILE A 284 -12.31 2.81 -15.05
N LYS A 285 -12.37 1.80 -14.19
CA LYS A 285 -13.39 1.73 -13.16
C LYS A 285 -13.17 2.73 -12.02
N CYS A 286 -14.25 3.28 -11.47
CA CYS A 286 -14.16 4.21 -10.35
C CYS A 286 -14.13 3.37 -9.08
N THR A 287 -13.33 3.79 -8.10
CA THR A 287 -13.21 3.03 -6.88
C THR A 287 -14.53 2.86 -6.15
N SER A 288 -15.38 3.88 -6.25
CA SER A 288 -16.67 3.86 -5.59
C SER A 288 -17.85 3.95 -6.57
N THR A 289 -18.98 3.38 -6.14
CA THR A 289 -20.20 3.40 -6.93
C THR A 289 -20.67 4.84 -7.01
N SER A 290 -21.53 5.14 -7.97
CA SER A 290 -22.02 6.49 -8.16
C SER A 290 -23.48 6.69 -7.80
N ARG A 291 -23.87 7.94 -7.73
CA ARG A 291 -25.24 8.32 -7.43
C ARG A 291 -25.58 9.56 -8.24
N ASP A 292 -26.84 9.99 -8.18
CA ASP A 292 -27.27 11.14 -8.97
C ASP A 292 -26.79 12.47 -8.45
N LYS A 293 -27.11 12.76 -7.21
CA LYS A 293 -26.73 14.03 -6.60
C LYS A 293 -25.91 13.85 -5.35
N ILE A 294 -25.10 14.86 -5.05
CA ILE A 294 -24.23 14.85 -3.89
C ILE A 294 -25.03 15.14 -2.62
N THR A 295 -26.28 15.53 -2.79
CA THR A 295 -27.15 15.85 -1.66
C THR A 295 -28.25 14.81 -1.44
N THR A 296 -28.19 13.73 -2.19
CA THR A 296 -29.20 12.68 -2.08
C THR A 296 -28.57 11.32 -1.96
N LEU A 297 -29.15 10.52 -1.08
CA LEU A 297 -28.67 9.15 -0.87
C LEU A 297 -29.31 8.26 -1.94
N GLY B 11 12.14 -35.58 18.15
CA GLY B 11 12.78 -34.72 19.17
C GLY B 11 12.11 -33.37 19.20
N SER B 12 12.82 -32.35 19.69
CA SER B 12 12.27 -31.01 19.74
C SER B 12 13.27 -29.86 19.53
N HIS B 13 14.59 -30.14 19.67
CA HIS B 13 15.60 -29.09 19.46
C HIS B 13 15.96 -29.04 17.97
N GLU B 14 15.94 -27.83 17.40
CA GLU B 14 16.16 -27.66 15.97
C GLU B 14 17.12 -26.57 15.47
N ASN B 15 17.06 -26.33 14.15
CA ASN B 15 17.87 -25.34 13.44
C ASN B 15 17.08 -24.02 13.41
N SER B 16 17.80 -22.90 13.42
CA SER B 16 17.15 -21.58 13.39
C SER B 16 16.94 -21.07 11.95
N ASN B 17 15.99 -21.67 11.24
CA ASN B 17 15.71 -21.27 9.85
C ASN B 17 14.26 -20.83 9.50
N SER B 18 13.64 -20.06 10.39
CA SER B 18 12.29 -19.55 10.14
C SER B 18 12.42 -18.12 9.60
N ALA B 19 11.51 -17.73 8.72
CA ALA B 19 11.55 -16.40 8.13
C ALA B 19 11.34 -15.25 9.13
N SER B 20 10.75 -15.55 10.29
CA SER B 20 10.51 -14.55 11.33
C SER B 20 11.28 -14.88 12.60
N GLU B 21 12.60 -14.86 12.50
CA GLU B 21 13.44 -15.18 13.65
C GLU B 21 14.28 -13.98 14.09
N GLY B 22 14.23 -12.90 13.32
CA GLY B 22 14.99 -11.70 13.66
C GLY B 22 14.15 -10.49 13.99
N SER B 23 12.97 -10.72 14.57
CA SER B 23 12.06 -9.63 14.94
C SER B 23 11.77 -9.64 16.44
N THR B 24 11.45 -8.46 17.00
CA THR B 24 11.14 -8.35 18.43
C THR B 24 9.69 -8.77 18.71
N ILE B 25 9.17 -9.66 17.86
CA ILE B 25 7.81 -10.20 17.99
C ILE B 25 7.82 -11.73 17.92
N ASN B 26 7.64 -12.38 19.07
CA ASN B 26 7.64 -13.85 19.15
C ASN B 26 6.27 -14.51 18.98
N TYR B 27 6.30 -15.77 18.54
CA TYR B 27 5.09 -16.55 18.31
C TYR B 27 5.22 -17.89 19.04
N THR B 28 4.11 -18.41 19.54
CA THR B 28 4.11 -19.70 20.22
C THR B 28 3.77 -20.75 19.16
N THR B 29 4.62 -21.77 19.03
CA THR B 29 4.40 -22.81 18.03
C THR B 29 4.50 -24.26 18.52
N ILE B 30 4.28 -25.19 17.59
CA ILE B 30 4.32 -26.63 17.86
C ILE B 30 5.16 -27.22 16.73
N ASN B 31 6.11 -28.12 17.04
CA ASN B 31 6.97 -28.70 15.98
C ASN B 31 7.74 -29.98 16.32
N TYR B 32 7.86 -30.86 15.32
CA TYR B 32 8.56 -32.15 15.41
C TYR B 32 9.59 -32.44 14.31
N TYR B 33 9.89 -31.45 13.47
CA TYR B 33 10.88 -31.62 12.40
C TYR B 33 12.11 -30.79 12.81
N LYS B 34 13.30 -31.13 12.30
CA LYS B 34 14.50 -30.40 12.67
C LYS B 34 14.59 -28.97 12.13
N ASP B 35 13.76 -28.64 11.14
CA ASP B 35 13.80 -27.31 10.56
C ASP B 35 12.63 -26.45 11.06
N ALA B 36 12.97 -25.26 11.53
CA ALA B 36 11.99 -24.33 12.10
C ALA B 36 10.87 -23.85 11.20
N TYR B 37 11.13 -23.72 9.91
CA TYR B 37 10.08 -23.24 9.01
C TYR B 37 8.92 -24.22 8.83
N ALA B 38 9.10 -25.45 9.31
CA ALA B 38 8.05 -26.45 9.20
C ALA B 38 6.96 -26.19 10.25
N ALA B 39 7.31 -25.42 11.27
CA ALA B 39 6.40 -25.10 12.36
C ALA B 39 5.15 -24.37 11.91
N SER B 40 4.12 -24.42 12.75
CA SER B 40 2.86 -23.76 12.47
C SER B 40 3.05 -22.26 12.55
N ALA B 41 2.04 -21.50 12.11
CA ALA B 41 2.11 -20.05 12.15
C ALA B 41 2.12 -19.60 13.60
N GLY B 42 1.30 -20.28 14.41
CA GLY B 42 1.22 -19.97 15.83
C GLY B 42 0.34 -18.80 16.21
N ARG B 43 0.34 -18.46 17.50
CA ARG B 43 -0.44 -17.34 18.02
C ARG B 43 0.26 -16.06 17.61
N GLN B 44 -0.53 -15.05 17.29
CA GLN B 44 0.01 -13.77 16.87
C GLN B 44 0.08 -12.79 18.03
N ASP B 45 1.29 -12.30 18.32
CA ASP B 45 1.44 -11.31 19.39
C ASP B 45 0.63 -10.12 18.87
N MET B 46 0.37 -9.12 19.70
CA MET B 46 -0.43 -8.00 19.23
C MET B 46 0.26 -6.63 19.28
N SER B 47 1.39 -6.51 18.57
CA SER B 47 2.15 -5.25 18.52
C SER B 47 1.50 -4.25 17.55
N GLN B 48 1.87 -2.98 17.68
CA GLN B 48 1.33 -1.92 16.84
C GLN B 48 2.17 -0.64 16.88
N ASP B 49 2.29 0.03 15.75
CA ASP B 49 3.06 1.25 15.64
C ASP B 49 2.28 2.22 14.74
N PRO B 50 1.11 2.69 15.21
CA PRO B 50 0.28 3.62 14.43
C PRO B 50 0.84 5.03 14.32
N LYS B 51 1.97 5.29 14.98
CA LYS B 51 2.59 6.61 14.98
C LYS B 51 3.74 6.80 13.97
N LYS B 52 3.76 6.00 12.91
CA LYS B 52 4.80 6.11 11.88
C LYS B 52 4.17 6.38 10.51
N PHE B 53 2.85 6.30 10.48
CA PHE B 53 2.09 6.53 9.26
C PHE B 53 1.10 7.68 9.47
N THR B 54 0.39 7.61 10.61
CA THR B 54 -0.62 8.61 10.97
C THR B 54 -0.01 9.88 11.55
N ASP B 55 1.22 9.80 12.06
CA ASP B 55 1.89 10.97 12.64
C ASP B 55 3.44 10.90 12.53
N PRO B 56 3.98 10.69 11.30
CA PRO B 56 5.43 10.63 11.14
C PRO B 56 6.00 12.05 10.99
N VAL B 57 5.28 13.02 11.54
CA VAL B 57 5.66 14.42 11.49
C VAL B 57 6.83 14.76 12.40
N MET B 58 7.36 15.96 12.18
CA MET B 58 8.50 16.48 12.92
C MET B 58 8.32 16.49 14.43
N ASP B 59 7.86 17.63 14.94
CA ASP B 59 7.62 17.79 16.36
C ASP B 59 6.48 16.82 16.70
N VAL B 60 6.84 15.55 16.88
CA VAL B 60 5.92 14.44 17.18
C VAL B 60 4.69 14.82 18.00
N SER B 79 4.84 28.91 15.03
CA SER B 79 6.23 29.16 14.63
C SER B 79 6.91 27.89 14.07
N ASP B 80 6.10 26.98 13.52
CA ASP B 80 6.60 25.74 12.90
C ASP B 80 6.83 26.04 11.43
N ARG B 81 6.03 26.98 10.93
CA ARG B 81 6.15 27.41 9.57
C ARG B 81 7.57 27.96 9.41
N VAL B 82 7.94 28.93 10.25
CA VAL B 82 9.27 29.55 10.24
C VAL B 82 10.37 28.48 10.33
N ALA B 83 11.38 28.56 9.47
CA ALA B 83 12.45 27.56 9.46
C ALA B 83 13.68 27.91 8.64
N GLN B 84 14.61 26.93 8.59
CA GLN B 84 15.85 27.03 7.84
C GLN B 84 16.71 25.77 8.00
N LEU B 85 16.80 24.97 6.95
CA LEU B 85 17.61 23.75 6.98
C LEU B 85 18.84 23.88 6.11
N THR B 86 19.97 23.49 6.68
CA THR B 86 21.24 23.59 5.99
C THR B 86 21.95 22.25 5.88
N ILE B 87 22.45 21.97 4.69
CA ILE B 87 23.20 20.74 4.46
C ILE B 87 24.15 20.98 3.28
N GLY B 88 25.43 20.70 3.49
CA GLY B 88 26.40 20.96 2.45
C GLY B 88 26.58 22.46 2.39
N ASN B 89 26.81 23.00 1.19
CA ASN B 89 26.98 24.43 1.01
C ASN B 89 25.67 25.08 0.62
N SER B 90 24.56 24.41 0.93
CA SER B 90 23.23 24.91 0.58
C SER B 90 22.32 25.06 1.78
N THR B 91 21.46 26.07 1.71
CA THR B 91 20.52 26.38 2.78
C THR B 91 19.16 26.79 2.26
N ILE B 92 18.11 26.19 2.81
CA ILE B 92 16.76 26.53 2.42
C ILE B 92 16.12 27.26 3.59
N THR B 93 15.34 28.29 3.30
CA THR B 93 14.64 29.02 4.35
C THR B 93 13.16 28.90 3.99
N THR B 94 12.41 28.13 4.78
CA THR B 94 11.00 27.95 4.52
C THR B 94 10.22 28.57 5.65
N GLN B 95 9.16 29.30 5.30
CA GLN B 95 8.33 29.94 6.32
C GLN B 95 6.84 29.60 6.20
N GLU B 96 6.32 29.34 5.01
CA GLU B 96 4.92 28.93 4.95
C GLU B 96 5.02 27.41 4.83
N ALA B 97 5.74 26.83 5.79
CA ALA B 97 5.94 25.38 5.85
C ALA B 97 4.78 24.72 6.61
N ALA B 98 4.59 23.43 6.36
CA ALA B 98 3.53 22.69 7.03
C ALA B 98 4.21 21.66 7.91
N ASN B 99 5.34 22.06 8.50
CA ASN B 99 6.14 21.20 9.34
C ASN B 99 6.92 20.25 8.41
N ILE B 100 7.54 19.23 8.98
CA ILE B 100 8.33 18.33 8.18
C ILE B 100 8.01 16.87 8.43
N VAL B 101 7.96 16.08 7.36
CA VAL B 101 7.63 14.68 7.53
C VAL B 101 8.86 13.79 7.47
N ILE B 102 8.93 12.85 8.40
CA ILE B 102 10.01 11.88 8.41
C ILE B 102 9.32 10.58 8.01
N ALA B 103 9.57 10.19 6.77
CA ALA B 103 8.98 8.98 6.23
C ALA B 103 9.08 7.77 7.15
N TYR B 104 7.95 7.13 7.40
CA TYR B 104 7.92 5.93 8.23
C TYR B 104 8.66 6.08 9.55
N GLY B 105 8.74 7.33 10.02
CA GLY B 105 9.39 7.63 11.29
C GLY B 105 10.86 7.27 11.42
N GLU B 106 11.59 7.25 10.31
CA GLU B 106 13.00 6.89 10.37
C GLU B 106 13.95 7.81 9.66
N TRP B 107 15.04 8.10 10.34
CA TRP B 107 16.04 8.95 9.77
C TRP B 107 17.03 8.19 8.92
N PRO B 108 17.52 8.85 7.86
CA PRO B 108 18.49 8.24 6.95
C PRO B 108 19.74 7.93 7.77
N GLU B 109 20.44 6.86 7.41
CA GLU B 109 21.65 6.49 8.12
C GLU B 109 22.53 5.62 7.25
N TYR B 110 23.84 5.76 7.44
CA TYR B 110 24.78 4.95 6.68
C TYR B 110 24.47 3.49 7.02
N CYS B 111 24.73 2.59 6.10
CA CYS B 111 24.44 1.18 6.33
C CYS B 111 25.30 0.56 7.42
N PRO B 112 24.64 -0.06 8.42
CA PRO B 112 25.27 -0.73 9.57
C PRO B 112 25.97 -2.03 9.17
N ASP B 113 27.02 -2.40 9.90
CA ASP B 113 27.78 -3.60 9.60
C ASP B 113 27.03 -4.94 9.62
N THR B 114 25.96 -5.03 10.41
CA THR B 114 25.20 -6.28 10.47
C THR B 114 24.41 -6.52 9.19
N ASP B 115 23.88 -5.44 8.63
CA ASP B 115 23.09 -5.50 7.40
C ASP B 115 23.98 -5.54 6.15
N ALA B 116 25.16 -4.93 6.23
CA ALA B 116 26.09 -4.89 5.10
C ALA B 116 26.48 -6.27 4.58
N THR B 117 26.80 -6.33 3.29
CA THR B 117 27.18 -7.58 2.67
C THR B 117 28.46 -7.44 1.85
N ALA B 118 28.51 -6.40 1.02
CA ALA B 118 29.69 -6.15 0.20
C ALA B 118 30.87 -5.82 1.12
N VAL B 119 32.00 -6.44 0.86
CA VAL B 119 33.19 -6.28 1.71
C VAL B 119 34.13 -5.12 1.45
N ASP B 120 34.08 -4.48 0.30
CA ASP B 120 35.00 -3.36 0.08
C ASP B 120 34.58 -2.15 0.91
N LYS B 121 35.56 -1.30 1.25
CA LYS B 121 35.29 -0.11 2.05
C LYS B 121 34.57 0.90 1.19
N PRO B 122 33.37 1.31 1.60
CA PRO B 122 32.61 2.29 0.83
C PRO B 122 33.21 3.68 0.95
N THR B 123 32.88 4.53 -0.02
CA THR B 123 33.34 5.90 -0.05
C THR B 123 32.12 6.72 0.42
N ARG B 124 32.36 7.68 1.31
CA ARG B 124 31.27 8.51 1.84
C ARG B 124 31.66 9.98 1.66
N PRO B 125 31.56 10.48 0.41
CA PRO B 125 31.87 11.84 -0.06
C PRO B 125 31.40 12.99 0.84
N ASP B 126 30.30 12.78 1.55
CA ASP B 126 29.80 13.82 2.44
C ASP B 126 29.33 15.10 1.70
N VAL B 127 29.89 16.24 2.08
CA VAL B 127 29.50 17.54 1.52
C VAL B 127 29.33 17.70 0.01
N SER B 128 30.21 17.07 -0.78
CA SER B 128 30.11 17.19 -2.22
C SER B 128 28.86 16.52 -2.82
N VAL B 129 28.26 15.60 -2.06
CA VAL B 129 27.07 14.90 -2.55
C VAL B 129 25.84 15.11 -1.68
N ASN B 130 26.01 15.19 -0.36
CA ASN B 130 24.88 15.43 0.52
C ASN B 130 24.65 16.94 0.61
N ARG B 131 23.89 17.45 -0.35
CA ARG B 131 23.58 18.88 -0.44
C ARG B 131 22.31 19.05 -1.28
N PHE B 132 21.88 20.29 -1.47
CA PHE B 132 20.67 20.57 -2.23
C PHE B 132 20.81 20.85 -3.71
N PHE B 133 20.18 20.01 -4.52
CA PHE B 133 20.20 20.16 -5.96
C PHE B 133 18.81 20.60 -6.37
N THR B 134 18.74 21.63 -7.21
CA THR B 134 17.45 22.16 -7.64
C THR B 134 17.21 21.88 -9.13
N LEU B 135 16.33 20.91 -9.39
CA LEU B 135 15.97 20.48 -10.74
C LEU B 135 15.02 21.42 -11.46
N ASP B 136 14.82 21.15 -12.74
CA ASP B 136 13.94 21.95 -13.57
C ASP B 136 12.62 22.28 -12.89
N THR B 137 12.03 23.38 -13.31
CA THR B 137 10.77 23.86 -12.77
C THR B 137 9.63 23.57 -13.73
N LYS B 138 8.48 23.23 -13.16
CA LYS B 138 7.31 22.93 -13.96
C LYS B 138 6.30 24.06 -13.73
N SER B 139 5.34 24.19 -14.65
CA SER B 139 4.32 25.23 -14.53
C SER B 139 2.96 24.63 -14.25
N TRP B 140 2.32 25.10 -13.19
CA TRP B 140 1.02 24.61 -12.81
C TRP B 140 -0.07 25.39 -13.54
N ALA B 141 -0.88 24.66 -14.29
CA ALA B 141 -1.99 25.23 -15.05
C ALA B 141 -3.32 24.69 -14.56
N LYS B 142 -4.39 25.44 -14.82
CA LYS B 142 -5.72 25.05 -14.38
C LYS B 142 -6.11 23.63 -14.82
N ASP B 143 -5.45 23.10 -15.85
CA ASP B 143 -5.76 21.76 -16.35
C ASP B 143 -4.62 20.75 -16.19
N SER B 144 -3.61 21.07 -15.40
CA SER B 144 -2.49 20.16 -15.22
C SER B 144 -2.93 18.83 -14.63
N LYS B 145 -2.31 17.76 -15.14
CA LYS B 145 -2.61 16.39 -14.72
C LYS B 145 -1.82 15.98 -13.48
N GLY B 146 -0.52 16.32 -13.47
CA GLY B 146 0.33 15.94 -12.35
C GLY B 146 1.65 15.42 -12.87
N TRP B 147 2.68 15.43 -12.02
CA TRP B 147 4.00 14.99 -12.43
C TRP B 147 4.63 14.00 -11.45
N TYR B 148 5.72 13.36 -11.89
CA TYR B 148 6.46 12.42 -11.05
C TYR B 148 7.95 12.35 -11.45
N TRP B 149 8.80 11.97 -10.50
CA TRP B 149 10.23 11.85 -10.77
C TRP B 149 10.71 10.57 -10.12
N LYS B 150 11.80 10.00 -10.61
CA LYS B 150 12.28 8.79 -9.99
C LYS B 150 13.61 9.01 -9.30
N PHE B 151 13.79 8.30 -8.19
CA PHE B 151 15.01 8.38 -7.40
C PHE B 151 15.72 7.04 -7.38
N PRO B 152 17.05 7.05 -7.59
CA PRO B 152 17.89 8.23 -7.83
C PRO B 152 18.04 8.68 -9.29
N ASP B 153 17.23 8.16 -10.20
CA ASP B 153 17.34 8.53 -11.61
C ASP B 153 17.56 10.03 -11.84
N VAL B 154 16.82 10.86 -11.11
CA VAL B 154 16.90 12.32 -11.26
C VAL B 154 18.28 12.94 -11.10
N LEU B 155 19.14 12.33 -10.31
CA LEU B 155 20.48 12.90 -10.11
C LEU B 155 21.64 12.12 -10.71
N THR B 156 21.36 10.99 -11.34
CA THR B 156 22.42 10.18 -11.93
C THR B 156 23.37 10.97 -12.82
N GLU B 157 22.93 12.11 -13.35
CA GLU B 157 23.82 12.89 -14.21
C GLU B 157 24.04 14.30 -13.73
N VAL B 158 23.98 14.49 -12.41
CA VAL B 158 24.16 15.81 -11.83
C VAL B 158 25.26 15.90 -10.78
N GLY B 159 26.11 16.90 -10.94
CA GLY B 159 27.19 17.12 -9.99
C GLY B 159 27.98 15.91 -9.57
N VAL B 160 28.65 16.04 -8.42
CA VAL B 160 29.47 14.96 -7.90
C VAL B 160 28.66 13.72 -7.55
N PHE B 161 27.42 13.92 -7.11
CA PHE B 161 26.60 12.78 -6.78
C PHE B 161 26.52 11.86 -8.00
N GLY B 162 26.07 12.44 -9.12
CA GLY B 162 25.93 11.67 -10.34
C GLY B 162 27.20 10.96 -10.73
N GLN B 163 28.32 11.67 -10.68
CA GLN B 163 29.59 11.07 -11.05
C GLN B 163 29.87 9.83 -10.21
N ASN B 164 29.68 9.92 -8.90
CA ASN B 164 29.90 8.76 -8.02
C ASN B 164 28.96 7.63 -8.39
N ALA B 165 27.72 7.98 -8.73
CA ALA B 165 26.74 6.97 -9.10
C ALA B 165 27.15 6.21 -10.36
N GLN B 166 27.87 6.90 -11.24
CA GLN B 166 28.33 6.30 -12.49
C GLN B 166 29.56 5.44 -12.30
N PHE B 167 30.52 5.91 -11.50
CA PHE B 167 31.74 5.16 -11.26
C PHE B 167 31.58 3.96 -10.35
N HIS B 168 30.49 3.94 -9.58
CA HIS B 168 30.27 2.83 -8.67
C HIS B 168 29.12 1.93 -9.10
N TYR B 169 29.23 0.66 -8.72
CA TYR B 169 28.23 -0.33 -9.04
C TYR B 169 27.11 -0.17 -8.04
N LEU B 170 27.50 -0.09 -6.77
CA LEU B 170 26.58 0.03 -5.65
C LEU B 170 26.42 1.42 -5.09
N TYR B 171 25.19 1.71 -4.67
CA TYR B 171 24.84 3.00 -4.10
C TYR B 171 23.76 2.80 -3.07
N ARG B 172 23.73 3.71 -2.12
CA ARG B 172 22.78 3.70 -1.03
C ARG B 172 22.70 5.13 -0.54
N SER B 173 21.49 5.60 -0.27
CA SER B 173 21.33 6.95 0.25
C SER B 173 19.92 7.25 0.70
N GLY B 174 19.79 8.36 1.41
CA GLY B 174 18.49 8.79 1.89
C GLY B 174 18.21 10.07 1.13
N PHE B 175 17.06 10.68 1.38
CA PHE B 175 16.74 11.90 0.67
C PHE B 175 15.91 12.91 1.43
N CYS B 176 16.16 14.16 1.08
CA CYS B 176 15.41 15.25 1.63
C CYS B 176 14.73 15.91 0.45
N VAL B 177 13.42 15.86 0.42
CA VAL B 177 12.68 16.43 -0.69
C VAL B 177 11.95 17.71 -0.30
N HIS B 178 12.23 18.77 -1.06
CA HIS B 178 11.62 20.07 -0.82
C HIS B 178 10.91 20.54 -2.10
N VAL B 179 9.58 20.60 -2.04
CA VAL B 179 8.79 21.05 -3.17
C VAL B 179 8.27 22.46 -2.88
N GLN B 180 8.50 23.38 -3.82
CA GLN B 180 8.11 24.77 -3.64
C GLN B 180 7.08 25.32 -4.62
N CYS B 181 6.14 26.09 -4.10
CA CYS B 181 5.10 26.69 -4.92
C CYS B 181 4.45 27.92 -4.27
N ASN B 182 4.75 29.12 -4.78
CA ASN B 182 4.16 30.35 -4.25
C ASN B 182 2.90 30.77 -5.01
N ALA B 183 2.08 31.57 -4.35
CA ALA B 183 0.85 32.08 -4.94
C ALA B 183 0.28 33.13 -3.98
N SER B 184 -0.49 34.08 -4.52
CA SER B 184 -1.06 35.15 -3.70
C SER B 184 -2.17 34.62 -2.83
N LYS B 185 -2.61 35.45 -1.87
CA LYS B 185 -3.68 35.04 -0.98
C LYS B 185 -5.02 35.01 -1.71
N PHE B 186 -4.99 35.26 -3.02
CA PHE B 186 -6.19 35.25 -3.86
C PHE B 186 -6.24 34.08 -4.81
N HIS B 187 -5.21 33.24 -4.76
CA HIS B 187 -5.17 32.03 -5.59
C HIS B 187 -5.64 30.89 -4.69
N GLN B 188 -5.94 29.73 -5.29
CA GLN B 188 -6.38 28.57 -4.54
C GLN B 188 -6.02 27.29 -5.29
N GLY B 189 -5.87 26.21 -4.53
CA GLY B 189 -5.52 24.93 -5.12
C GLY B 189 -4.77 24.12 -4.09
N ALA B 190 -4.63 22.82 -4.35
CA ALA B 190 -3.95 21.94 -3.43
C ALA B 190 -3.19 20.84 -4.13
N LEU B 191 -1.90 20.76 -3.85
CA LEU B 191 -1.06 19.73 -4.42
C LEU B 191 -0.82 18.67 -3.36
N LEU B 192 -0.84 17.41 -3.78
CA LEU B 192 -0.55 16.35 -2.85
C LEU B 192 0.86 15.92 -3.22
N VAL B 193 1.79 16.02 -2.28
CA VAL B 193 3.16 15.62 -2.56
C VAL B 193 3.40 14.32 -1.81
N ALA B 194 3.67 13.26 -2.55
CA ALA B 194 3.88 11.96 -1.92
C ALA B 194 5.06 11.19 -2.45
N VAL B 195 5.51 10.25 -1.65
CA VAL B 195 6.62 9.39 -1.99
C VAL B 195 6.08 7.98 -2.08
N LEU B 196 6.31 7.35 -3.22
CA LEU B 196 5.83 6.00 -3.42
C LEU B 196 7.00 5.08 -3.75
N PRO B 197 7.39 4.23 -2.79
CA PRO B 197 8.48 3.28 -2.94
C PRO B 197 8.21 2.32 -4.08
N GLU B 198 9.26 1.92 -4.79
CA GLU B 198 9.09 1.00 -5.91
C GLU B 198 7.89 1.43 -6.77
N TYR B 199 7.97 2.63 -7.35
CA TYR B 199 6.87 3.12 -8.18
C TYR B 199 6.90 2.49 -9.58
N VAL B 200 6.34 1.28 -9.69
CA VAL B 200 6.29 0.57 -10.97
C VAL B 200 5.11 1.09 -11.81
N LEU B 201 5.41 1.52 -13.02
CA LEU B 201 4.38 2.05 -13.91
C LEU B 201 3.76 0.99 -14.82
N GLY B 202 2.52 1.22 -15.22
CA GLY B 202 1.82 0.31 -16.11
C GLY B 202 1.35 1.08 -17.32
N THR B 203 0.95 0.36 -18.38
CA THR B 203 0.46 1.00 -19.60
C THR B 203 -1.04 0.80 -19.68
N ILE B 204 -1.72 1.55 -20.56
CA ILE B 204 -3.16 1.41 -20.69
C ILE B 204 -3.53 0.16 -21.49
N ALA B 205 -2.53 -0.68 -21.74
CA ALA B 205 -2.71 -1.95 -22.46
C ALA B 205 -3.44 -1.86 -23.79
N GLY B 206 -3.04 -0.93 -24.64
CA GLY B 206 -3.69 -0.78 -25.92
C GLY B 206 -5.14 -0.29 -25.83
N GLY B 207 -5.55 0.11 -24.63
CA GLY B 207 -6.90 0.61 -24.41
C GLY B 207 -7.95 -0.47 -24.21
N THR B 208 -7.98 -1.43 -25.11
CA THR B 208 -8.93 -2.53 -25.04
C THR B 208 -8.49 -3.53 -23.96
N GLY B 209 -7.18 -3.56 -23.70
CA GLY B 209 -6.63 -4.46 -22.71
C GLY B 209 -6.12 -5.75 -23.29
N ASN B 210 -5.99 -5.81 -24.61
CA ASN B 210 -5.53 -7.02 -25.28
C ASN B 210 -4.09 -6.95 -25.75
N GLU B 211 -3.46 -5.80 -25.49
CA GLU B 211 -2.07 -5.60 -25.90
C GLU B 211 -1.20 -5.50 -24.65
N ASN B 212 -0.21 -6.38 -24.55
CA ASN B 212 0.69 -6.38 -23.39
C ASN B 212 1.88 -5.45 -23.63
N SER B 213 1.58 -4.15 -23.68
CA SER B 213 2.59 -3.12 -23.89
C SER B 213 3.34 -2.80 -22.60
N HIS B 214 4.47 -2.12 -22.74
CA HIS B 214 5.27 -1.76 -21.59
C HIS B 214 5.82 -0.35 -21.71
N PRO B 215 6.04 0.32 -20.58
CA PRO B 215 6.58 1.68 -20.61
C PRO B 215 8.02 1.69 -21.07
N PRO B 216 8.37 2.62 -21.96
CA PRO B 216 9.74 2.74 -22.48
C PRO B 216 10.66 3.37 -21.43
N TYR B 217 11.97 3.14 -21.55
CA TYR B 217 12.93 3.68 -20.58
C TYR B 217 12.64 5.14 -20.27
N ALA B 218 12.21 5.89 -21.28
CA ALA B 218 11.94 7.32 -21.09
C ALA B 218 10.79 7.63 -20.15
N THR B 219 9.89 6.67 -19.94
CA THR B 219 8.76 6.88 -19.06
C THR B 219 9.05 6.34 -17.66
N THR B 220 9.80 5.24 -17.58
CA THR B 220 10.13 4.65 -16.29
C THR B 220 11.24 5.44 -15.58
N GLN B 221 12.16 6.00 -16.37
CA GLN B 221 13.28 6.81 -15.83
C GLN B 221 13.45 8.11 -16.60
N PRO B 222 12.45 9.01 -16.48
CA PRO B 222 12.34 10.33 -17.12
C PRO B 222 13.51 11.28 -16.89
N GLY B 223 14.43 10.91 -16.01
CA GLY B 223 15.55 11.79 -15.75
C GLY B 223 15.14 12.93 -14.84
N GLN B 224 15.90 14.03 -14.91
CA GLN B 224 15.67 15.19 -14.06
C GLN B 224 14.49 16.07 -14.48
N VAL B 225 13.95 15.82 -15.65
CA VAL B 225 12.83 16.62 -16.14
C VAL B 225 11.52 16.05 -15.64
N GLY B 226 11.56 14.80 -15.20
CA GLY B 226 10.36 14.18 -14.70
C GLY B 226 9.40 13.91 -15.84
N ALA B 227 8.23 13.38 -15.51
CA ALA B 227 7.22 13.05 -16.50
C ALA B 227 5.83 13.45 -16.05
N VAL B 228 4.88 13.37 -16.97
CA VAL B 228 3.50 13.73 -16.69
C VAL B 228 2.63 12.49 -16.58
N LEU B 229 1.72 12.52 -15.61
CA LEU B 229 0.80 11.40 -15.42
C LEU B 229 -0.28 11.55 -16.47
N THR B 230 -0.67 10.44 -17.10
CA THR B 230 -1.72 10.50 -18.10
C THR B 230 -3.07 10.19 -17.44
N HIS B 231 -3.05 9.36 -16.41
CA HIS B 231 -4.25 8.99 -15.68
C HIS B 231 -4.00 9.06 -14.19
N PRO B 232 -3.86 10.28 -13.66
CA PRO B 232 -3.61 10.47 -12.22
C PRO B 232 -4.54 9.70 -11.28
N TYR B 233 -5.82 9.60 -11.62
CA TYR B 233 -6.78 8.91 -10.75
C TYR B 233 -6.29 7.50 -10.34
N VAL B 234 -5.61 6.83 -11.27
CA VAL B 234 -5.08 5.48 -11.01
C VAL B 234 -3.56 5.47 -11.03
N LEU B 235 -2.98 6.67 -10.88
CA LEU B 235 -1.53 6.83 -10.83
C LEU B 235 -0.79 6.09 -11.93
N ASP B 236 -1.38 6.00 -13.11
CA ASP B 236 -0.77 5.29 -14.24
C ASP B 236 -0.27 3.92 -13.80
N ALA B 237 -0.94 3.30 -12.84
CA ALA B 237 -0.51 2.00 -12.36
C ALA B 237 -1.61 1.13 -11.76
N GLY B 238 -2.85 1.44 -12.11
CA GLY B 238 -3.98 0.65 -11.62
C GLY B 238 -4.26 0.72 -10.13
N ILE B 239 -3.87 1.80 -9.48
CA ILE B 239 -4.12 1.97 -8.06
C ILE B 239 -4.69 3.36 -7.81
N PRO B 240 -5.61 3.46 -6.84
CA PRO B 240 -6.30 4.70 -6.46
C PRO B 240 -5.47 5.82 -5.86
N LEU B 241 -5.56 6.98 -6.48
CA LEU B 241 -4.86 8.15 -5.99
C LEU B 241 -5.44 8.36 -4.59
N SER B 242 -6.75 8.19 -4.47
CA SER B 242 -7.44 8.39 -3.19
C SER B 242 -6.77 7.76 -1.98
N GLN B 243 -5.93 6.76 -2.19
CA GLN B 243 -5.25 6.07 -1.09
C GLN B 243 -3.77 6.36 -0.98
N LEU B 244 -3.26 7.23 -1.85
CA LEU B 244 -1.84 7.56 -1.85
C LEU B 244 -1.34 8.11 -0.51
N THR B 245 -2.23 8.69 0.27
CA THR B 245 -1.88 9.26 1.58
C THR B 245 -1.42 8.22 2.59
N VAL B 246 -1.44 6.95 2.19
CA VAL B 246 -1.00 5.86 3.05
C VAL B 246 0.53 5.83 2.90
N CYS B 247 1.04 6.74 2.09
CA CYS B 247 2.48 6.85 1.85
C CYS B 247 2.95 8.16 2.44
N PRO B 248 4.25 8.25 2.75
CA PRO B 248 4.78 9.49 3.32
C PRO B 248 4.36 10.61 2.37
N HIS B 249 3.63 11.57 2.89
CA HIS B 249 3.14 12.65 2.05
C HIS B 249 2.98 13.93 2.83
N GLN B 250 2.64 14.97 2.09
CA GLN B 250 2.38 16.27 2.65
C GLN B 250 1.57 17.04 1.61
N TRP B 251 0.76 17.98 2.05
CA TRP B 251 -0.05 18.78 1.15
C TRP B 251 0.47 20.20 1.02
N ILE B 252 0.29 20.78 -0.15
CA ILE B 252 0.63 22.18 -0.33
C ILE B 252 -0.71 22.81 -0.68
N ASN B 253 -1.38 23.38 0.32
CA ASN B 253 -2.66 24.03 0.08
C ASN B 253 -2.29 25.49 0.03
N LEU B 254 -2.49 26.10 -1.12
CA LEU B 254 -2.13 27.49 -1.32
C LEU B 254 -2.53 28.47 -0.23
N ARG B 255 -3.69 28.28 0.39
CA ARG B 255 -4.09 29.24 1.43
C ARG B 255 -3.38 29.00 2.75
N THR B 256 -2.63 27.90 2.86
CA THR B 256 -1.94 27.58 4.12
C THR B 256 -0.41 27.55 4.07
N ASN B 257 0.12 26.91 3.05
CA ASN B 257 1.57 26.78 2.91
C ASN B 257 2.00 26.82 1.44
N ASN B 258 3.29 27.08 1.22
CA ASN B 258 3.80 27.16 -0.14
C ASN B 258 5.02 26.27 -0.37
N CYS B 259 5.15 25.23 0.46
CA CYS B 259 6.26 24.30 0.30
C CYS B 259 6.04 23.09 1.20
N ALA B 260 6.64 21.97 0.82
CA ALA B 260 6.52 20.74 1.58
C ALA B 260 7.90 20.09 1.71
N THR B 261 8.14 19.40 2.82
CA THR B 261 9.42 18.76 3.02
C THR B 261 9.29 17.36 3.60
N ILE B 262 9.97 16.41 2.96
CA ILE B 262 9.92 15.01 3.39
C ILE B 262 11.28 14.35 3.45
N ILE B 263 11.65 13.84 4.62
CA ILE B 263 12.93 13.12 4.75
C ILE B 263 12.61 11.67 4.45
N VAL B 264 13.43 11.05 3.59
CA VAL B 264 13.20 9.67 3.20
C VAL B 264 14.40 8.78 3.48
N PRO B 265 14.20 7.70 4.24
CA PRO B 265 15.31 6.79 4.53
C PRO B 265 15.46 5.80 3.37
N TYR B 266 16.60 5.11 3.30
CA TYR B 266 16.81 4.14 2.22
C TYR B 266 15.83 2.99 2.39
N MET B 267 15.21 2.57 1.29
CA MET B 267 14.26 1.45 1.34
C MET B 267 14.50 0.48 0.18
N ASN B 268 14.82 -0.75 0.55
CA ASN B 268 15.10 -1.79 -0.45
C ASN B 268 15.19 -3.13 0.26
N THR B 269 15.22 -4.20 -0.52
CA THR B 269 15.34 -5.53 0.05
C THR B 269 16.82 -5.90 0.15
N VAL B 270 17.66 -4.97 -0.29
CA VAL B 270 19.12 -5.16 -0.27
C VAL B 270 19.74 -3.90 0.34
N PRO B 271 20.92 -4.02 0.96
CA PRO B 271 21.64 -2.90 1.61
C PRO B 271 22.14 -1.82 0.65
N PHE B 272 22.60 -2.25 -0.52
CA PHE B 272 23.09 -1.35 -1.56
C PHE B 272 22.49 -1.83 -2.86
N ASP B 273 22.49 -0.98 -3.87
CA ASP B 273 21.93 -1.37 -5.15
C ASP B 273 22.43 -0.43 -6.23
N SER B 274 22.13 -0.78 -7.49
CA SER B 274 22.56 0.07 -8.60
C SER B 274 21.70 1.31 -8.66
N ALA B 275 22.33 2.46 -8.83
CA ALA B 275 21.56 3.70 -8.92
C ALA B 275 21.02 3.80 -10.35
N LEU B 276 21.52 2.94 -11.23
CA LEU B 276 21.10 2.97 -12.61
C LEU B 276 19.95 2.05 -12.95
N ASN B 277 20.01 0.81 -12.50
CA ASN B 277 18.97 -0.15 -12.83
C ASN B 277 17.76 -0.15 -11.93
N HIS B 278 17.89 0.41 -10.73
CA HIS B 278 16.78 0.39 -9.80
C HIS B 278 16.45 1.75 -9.17
N CYS B 279 15.17 2.13 -9.27
CA CYS B 279 14.69 3.36 -8.67
C CYS B 279 13.94 2.96 -7.41
N ASN B 280 14.47 3.39 -6.27
CA ASN B 280 13.89 3.05 -4.99
C ASN B 280 12.53 3.61 -4.74
N PHE B 281 12.26 4.77 -5.31
CA PHE B 281 10.95 5.35 -5.13
C PHE B 281 10.71 6.51 -6.07
N GLY B 282 9.45 6.86 -6.20
CA GLY B 282 9.10 7.96 -7.06
C GLY B 282 8.45 9.05 -6.24
N LEU B 283 8.61 10.28 -6.70
CA LEU B 283 8.00 11.43 -6.05
C LEU B 283 6.85 11.88 -6.91
N LEU B 284 5.68 12.02 -6.33
CA LEU B 284 4.52 12.47 -7.09
C LEU B 284 4.00 13.80 -6.58
N VAL B 285 3.64 14.66 -7.53
CA VAL B 285 3.07 15.97 -7.20
C VAL B 285 1.81 16.04 -8.05
N ILE B 286 0.66 15.96 -7.39
CA ILE B 286 -0.62 15.97 -8.09
C ILE B 286 -1.59 17.01 -7.59
N PRO B 287 -2.19 17.76 -8.52
CA PRO B 287 -3.15 18.78 -8.16
C PRO B 287 -4.47 18.06 -7.85
N VAL B 288 -4.77 17.84 -6.58
CA VAL B 288 -6.02 17.17 -6.24
C VAL B 288 -7.16 18.19 -6.28
N VAL B 289 -6.85 19.42 -5.90
CA VAL B 289 -7.82 20.52 -5.96
C VAL B 289 -7.15 21.46 -6.93
N PRO B 290 -7.68 21.54 -8.15
CA PRO B 290 -7.18 22.39 -9.24
C PRO B 290 -6.93 23.86 -8.93
N LEU B 291 -5.90 24.38 -9.59
CA LEU B 291 -5.50 25.78 -9.45
C LEU B 291 -6.59 26.65 -10.02
N ASP B 292 -6.88 27.74 -9.35
CA ASP B 292 -7.90 28.66 -9.84
C ASP B 292 -7.55 30.04 -9.32
N PHE B 293 -7.97 31.05 -10.07
CA PHE B 293 -7.72 32.44 -9.72
C PHE B 293 -8.47 33.32 -10.69
N ASN B 294 -8.78 34.54 -10.25
CA ASN B 294 -9.48 35.46 -11.12
C ASN B 294 -8.52 36.03 -12.13
N THR B 295 -8.99 36.14 -13.36
CA THR B 295 -8.18 36.66 -14.45
C THR B 295 -7.69 38.06 -14.09
N GLY B 296 -6.38 38.26 -14.25
CA GLY B 296 -5.78 39.53 -13.89
C GLY B 296 -4.68 39.26 -12.88
N ALA B 297 -4.82 38.13 -12.16
CA ALA B 297 -3.84 37.73 -11.17
C ALA B 297 -2.76 36.95 -11.92
N THR B 298 -1.55 36.91 -11.37
CA THR B 298 -0.46 36.19 -12.02
C THR B 298 -0.88 34.79 -12.42
N SER B 299 -0.73 34.46 -13.71
CA SER B 299 -1.13 33.15 -14.22
C SER B 299 0.00 32.12 -14.26
N GLU B 300 1.24 32.60 -14.22
CA GLU B 300 2.40 31.70 -14.22
C GLU B 300 2.70 31.29 -12.77
N ILE B 301 2.22 30.10 -12.40
CA ILE B 301 2.43 29.58 -11.05
C ILE B 301 3.32 28.34 -11.12
N PRO B 302 4.64 28.55 -10.98
CA PRO B 302 5.59 27.42 -11.05
C PRO B 302 5.68 26.56 -9.79
N ILE B 303 6.24 25.37 -9.99
CA ILE B 303 6.46 24.40 -8.93
C ILE B 303 7.91 24.01 -9.10
N THR B 304 8.69 24.08 -8.02
CA THR B 304 10.10 23.74 -8.12
C THR B 304 10.50 22.66 -7.15
N VAL B 305 11.35 21.76 -7.63
CA VAL B 305 11.79 20.67 -6.80
C VAL B 305 13.26 20.76 -6.46
N THR B 306 13.54 20.73 -5.16
CA THR B 306 14.91 20.77 -4.67
C THR B 306 15.09 19.53 -3.80
N ILE B 307 16.13 18.75 -4.07
CA ILE B 307 16.36 17.53 -3.32
C ILE B 307 17.80 17.41 -2.86
N ALA B 308 17.99 16.74 -1.74
CA ALA B 308 19.32 16.56 -1.20
C ALA B 308 19.48 15.13 -0.75
N PRO B 309 20.46 14.44 -1.33
CA PRO B 309 20.63 13.06 -0.87
C PRO B 309 21.24 13.17 0.52
N MET B 310 20.99 12.16 1.36
CA MET B 310 21.53 12.16 2.71
C MET B 310 22.23 10.84 3.02
N CYS B 311 23.40 10.93 3.63
CA CYS B 311 24.16 9.74 3.95
C CYS B 311 24.44 8.90 2.71
N ALA B 312 24.91 9.56 1.66
CA ALA B 312 25.24 8.85 0.43
C ALA B 312 26.50 7.99 0.63
N GLU B 313 26.40 6.75 0.18
CA GLU B 313 27.45 5.76 0.27
C GLU B 313 27.55 5.10 -1.10
N PHE B 314 28.77 4.81 -1.54
CA PHE B 314 28.98 4.17 -2.82
C PHE B 314 30.03 3.07 -2.65
N ALA B 315 29.97 2.05 -3.50
CA ALA B 315 30.92 0.96 -3.42
C ALA B 315 30.99 0.21 -4.74
N GLY B 316 32.03 -0.60 -4.90
CA GLY B 316 32.20 -1.34 -6.13
C GLY B 316 32.72 -0.41 -7.19
N LEU B 317 33.88 0.19 -6.93
CA LEU B 317 34.49 1.13 -7.86
C LEU B 317 34.99 0.43 -9.11
N ARG B 318 34.85 1.12 -10.24
CA ARG B 318 35.27 0.64 -11.55
C ARG B 318 35.22 1.88 -12.44
N GLN B 319 35.08 1.69 -13.75
CA GLN B 319 35.01 2.82 -14.67
C GLN B 319 33.57 3.34 -14.69
N ALA B 320 33.39 4.54 -15.24
CA ALA B 320 32.07 5.15 -15.31
C ALA B 320 31.15 4.45 -16.31
N VAL B 321 29.90 4.25 -15.88
CA VAL B 321 28.87 3.62 -16.70
C VAL B 321 27.64 4.52 -16.62
N LYS B 322 27.07 4.92 -17.77
CA LYS B 322 25.89 5.79 -17.76
C LYS B 322 24.57 5.01 -17.70
N GLN B 323 24.62 3.72 -18.04
CA GLN B 323 23.45 2.85 -17.93
C GLN B 323 23.70 1.43 -18.41
N GLY C 1 1.91 -52.03 17.40
CA GLY C 1 1.46 -50.61 17.22
C GLY C 1 0.52 -50.09 18.30
N ILE C 2 0.47 -48.77 18.44
CA ILE C 2 -0.37 -48.10 19.42
C ILE C 2 -1.82 -47.96 18.99
N PRO C 3 -2.74 -48.32 19.88
CA PRO C 3 -4.19 -48.25 19.65
C PRO C 3 -4.66 -46.85 19.32
N THR C 4 -5.21 -46.69 18.12
CA THR C 4 -5.71 -45.39 17.67
C THR C 4 -7.00 -45.59 16.87
N GLU C 5 -7.82 -44.55 16.82
CA GLU C 5 -9.07 -44.57 16.10
C GLU C 5 -9.21 -43.27 15.30
N LEU C 6 -9.42 -43.37 14.00
CA LEU C 6 -9.59 -42.19 13.18
C LEU C 6 -10.94 -41.53 13.46
N LYS C 7 -10.93 -40.20 13.61
CA LYS C 7 -12.16 -39.46 13.89
C LYS C 7 -12.57 -38.61 12.68
N PRO C 8 -13.84 -38.14 12.66
CA PRO C 8 -14.28 -37.31 11.55
C PRO C 8 -13.36 -36.11 11.37
N GLY C 9 -13.04 -35.78 10.12
CA GLY C 9 -12.13 -34.68 9.83
C GLY C 9 -10.92 -35.30 9.19
N THR C 10 -10.70 -36.59 9.47
CA THR C 10 -9.59 -37.33 8.90
C THR C 10 -9.56 -37.11 7.39
N ASN C 11 -8.35 -36.94 6.85
CA ASN C 11 -8.10 -36.73 5.43
C ASN C 11 -8.52 -35.40 4.82
N GLN C 12 -9.25 -34.57 5.56
CA GLN C 12 -9.72 -33.30 5.02
C GLN C 12 -8.66 -32.23 4.99
N PHE C 13 -8.86 -31.28 4.09
CA PHE C 13 -7.95 -30.17 3.94
C PHE C 13 -8.73 -28.90 4.24
N LEU C 14 -8.46 -28.32 5.40
CA LEU C 14 -9.10 -27.06 5.80
C LEU C 14 -8.09 -25.95 5.46
N THR C 15 -8.48 -25.07 4.55
CA THR C 15 -7.59 -24.00 4.13
C THR C 15 -7.03 -23.15 5.25
N THR C 16 -7.76 -23.05 6.35
CA THR C 16 -7.31 -22.24 7.47
C THR C 16 -6.71 -23.05 8.62
N ASP C 17 -6.49 -24.34 8.38
CA ASP C 17 -5.89 -25.18 9.42
C ASP C 17 -4.43 -24.76 9.54
N ASP C 18 -4.00 -24.51 10.78
CA ASP C 18 -2.62 -24.07 11.08
C ASP C 18 -1.76 -25.24 11.59
N GLY C 19 -1.43 -26.18 10.71
CA GLY C 19 -0.64 -27.31 11.16
C GLY C 19 0.83 -27.29 10.80
N VAL C 20 1.43 -28.46 10.92
CA VAL C 20 2.85 -28.65 10.63
C VAL C 20 3.03 -29.62 9.47
N SER C 21 3.67 -29.16 8.40
CA SER C 21 3.92 -29.99 7.22
C SER C 21 5.42 -30.19 7.15
N ALA C 22 5.86 -31.29 6.53
CA ALA C 22 7.28 -31.59 6.39
C ALA C 22 8.05 -30.58 5.52
N PRO C 23 9.30 -30.27 5.91
CA PRO C 23 10.14 -29.31 5.18
C PRO C 23 10.84 -29.96 3.99
N ILE C 24 10.84 -29.28 2.84
CA ILE C 24 11.45 -29.82 1.63
C ILE C 24 12.98 -29.70 1.58
N LEU C 25 13.54 -28.68 2.22
CA LEU C 25 14.99 -28.50 2.20
C LEU C 25 15.60 -28.55 3.59
N PRO C 26 16.09 -29.73 4.01
CA PRO C 26 16.68 -29.83 5.34
C PRO C 26 18.00 -29.08 5.46
N GLY C 27 18.17 -28.38 6.58
CA GLY C 27 19.40 -27.64 6.83
C GLY C 27 19.50 -26.31 6.09
N PHE C 28 18.42 -25.94 5.40
CA PHE C 28 18.42 -24.69 4.65
C PHE C 28 18.36 -23.48 5.57
N HIS C 29 19.13 -22.45 5.24
CA HIS C 29 19.15 -21.21 6.01
C HIS C 29 18.84 -20.05 5.09
N PRO C 30 17.71 -19.37 5.34
CA PRO C 30 17.25 -18.24 4.55
C PRO C 30 18.18 -17.05 4.63
N THR C 31 18.21 -16.26 3.58
CA THR C 31 19.05 -15.08 3.59
C THR C 31 18.61 -14.30 4.83
N PRO C 32 19.58 -13.84 5.64
CA PRO C 32 19.21 -13.09 6.84
C PRO C 32 18.45 -11.81 6.51
N PRO C 33 17.59 -11.36 7.43
CA PRO C 33 16.81 -10.14 7.22
C PRO C 33 17.65 -8.91 7.50
N ILE C 34 17.28 -7.78 6.90
CA ILE C 34 17.99 -6.53 7.15
C ILE C 34 16.90 -5.55 7.56
N HIS C 35 17.32 -4.40 8.07
CA HIS C 35 16.33 -3.45 8.49
C HIS C 35 15.70 -2.73 7.32
N ILE C 36 14.37 -2.71 7.29
CA ILE C 36 13.65 -2.03 6.24
C ILE C 36 12.62 -1.14 6.92
N PRO C 37 12.63 0.15 6.59
CA PRO C 37 11.64 1.00 7.26
C PRO C 37 10.21 0.68 6.81
N GLY C 38 9.25 1.06 7.65
CA GLY C 38 7.87 0.83 7.31
C GLY C 38 7.27 -0.55 7.58
N GLU C 39 7.76 -1.26 8.59
CA GLU C 39 7.15 -2.57 8.84
C GLU C 39 5.82 -2.39 9.56
N VAL C 40 4.82 -3.19 9.18
CA VAL C 40 3.53 -3.12 9.83
C VAL C 40 3.23 -4.52 10.38
N HIS C 41 2.56 -4.57 11.52
CA HIS C 41 2.24 -5.84 12.16
C HIS C 41 0.75 -6.14 12.20
N ASN C 42 -0.06 -5.09 12.20
CA ASN C 42 -1.51 -5.26 12.28
C ASN C 42 -2.22 -4.31 11.33
N LEU C 43 -3.19 -4.83 10.57
CA LEU C 43 -3.95 -4.03 9.62
C LEU C 43 -4.49 -2.74 10.22
N LEU C 44 -4.86 -2.78 11.49
CA LEU C 44 -5.40 -1.60 12.17
C LEU C 44 -4.47 -0.38 12.04
N GLU C 45 -3.16 -0.62 12.01
CA GLU C 45 -2.18 0.47 11.88
C GLU C 45 -2.51 1.28 10.64
N ILE C 46 -2.95 0.58 9.59
CA ILE C 46 -3.30 1.19 8.31
C ILE C 46 -4.66 1.88 8.33
N CYS C 47 -5.64 1.24 8.99
CA CYS C 47 -6.98 1.81 9.08
C CYS C 47 -7.02 3.16 9.80
N ARG C 48 -5.98 3.45 10.58
CA ARG C 48 -5.92 4.72 11.29
C ARG C 48 -5.40 5.85 10.41
N VAL C 49 -5.05 5.51 9.17
CA VAL C 49 -4.53 6.49 8.23
C VAL C 49 -5.58 7.06 7.30
N GLU C 50 -5.68 8.39 7.31
CA GLU C 50 -6.64 9.07 6.48
C GLU C 50 -6.34 8.91 5.01
N THR C 51 -7.40 8.61 4.27
CA THR C 51 -7.34 8.44 2.83
C THR C 51 -8.54 9.24 2.32
N ILE C 52 -8.53 9.59 1.04
CA ILE C 52 -9.60 10.41 0.49
C ILE C 52 -10.93 9.74 0.20
N LEU C 53 -11.96 10.42 0.66
CA LEU C 53 -13.36 10.03 0.54
C LEU C 53 -13.93 10.59 -0.75
N GLU C 54 -14.54 9.76 -1.58
CA GLU C 54 -15.14 10.27 -2.82
C GLU C 54 -16.58 10.66 -2.51
N VAL C 55 -16.73 11.83 -1.91
CA VAL C 55 -18.04 12.32 -1.55
C VAL C 55 -18.77 12.74 -2.80
N ASN C 56 -18.01 13.23 -3.77
CA ASN C 56 -18.55 13.68 -5.03
C ASN C 56 -18.55 12.52 -6.03
N ASN C 57 -19.19 11.41 -5.65
CA ASN C 57 -19.28 10.20 -6.48
C ASN C 57 -20.49 10.19 -7.40
N LEU C 58 -20.54 11.13 -8.34
CA LEU C 58 -21.66 11.24 -9.25
C LEU C 58 -21.48 10.47 -10.54
N LYS C 59 -22.62 10.11 -11.13
CA LYS C 59 -22.64 9.37 -12.38
C LYS C 59 -22.01 10.20 -13.49
N THR C 60 -22.04 11.51 -13.34
CA THR C 60 -21.48 12.40 -14.35
C THR C 60 -19.96 12.63 -14.22
N ASN C 61 -19.36 12.05 -13.17
CA ASN C 61 -17.92 12.18 -12.92
C ASN C 61 -17.13 11.04 -13.52
N GLU C 62 -17.74 9.85 -13.54
CA GLU C 62 -17.08 8.64 -14.01
C GLU C 62 -16.08 8.77 -15.16
N THR C 63 -16.27 9.76 -16.02
CA THR C 63 -15.35 9.94 -17.16
C THR C 63 -14.26 10.96 -16.88
N THR C 64 -14.39 11.65 -15.76
CA THR C 64 -13.46 12.67 -15.28
C THR C 64 -13.39 12.43 -13.76
N PRO C 65 -12.97 11.22 -13.36
CA PRO C 65 -12.84 10.74 -11.98
C PRO C 65 -12.12 11.64 -10.99
N MET C 66 -11.08 12.34 -11.43
CA MET C 66 -10.35 13.23 -10.53
C MET C 66 -11.31 14.17 -9.80
N GLN C 67 -12.45 14.47 -10.44
CA GLN C 67 -13.43 15.37 -9.84
C GLN C 67 -14.16 14.81 -8.64
N ARG C 68 -14.11 13.49 -8.46
CA ARG C 68 -14.79 12.83 -7.35
C ARG C 68 -14.02 13.05 -6.04
N LEU C 69 -12.74 13.38 -6.16
CA LEU C 69 -11.87 13.58 -5.01
C LEU C 69 -12.10 14.84 -4.19
N CYS C 70 -13.08 15.64 -4.58
CA CYS C 70 -13.40 16.84 -3.82
C CYS C 70 -14.71 17.42 -4.27
N PHE C 71 -15.42 18.03 -3.34
CA PHE C 71 -16.71 18.63 -3.65
C PHE C 71 -16.62 20.12 -3.38
N PRO C 72 -17.49 20.91 -4.01
CA PRO C 72 -17.52 22.36 -3.88
C PRO C 72 -18.41 23.05 -2.87
N VAL C 73 -18.03 24.31 -2.63
CA VAL C 73 -18.74 25.24 -1.76
C VAL C 73 -18.65 26.52 -2.58
N SER C 74 -19.68 27.36 -2.51
CA SER C 74 -19.68 28.58 -3.28
C SER C 74 -20.57 29.58 -2.60
N VAL C 75 -20.49 30.84 -3.01
CA VAL C 75 -21.31 31.90 -2.44
C VAL C 75 -22.78 31.55 -2.56
N GLN C 76 -23.45 31.42 -1.42
CA GLN C 76 -24.86 31.10 -1.41
C GLN C 76 -25.69 32.36 -1.51
N SER C 77 -26.89 32.21 -2.06
CA SER C 77 -27.82 33.31 -2.21
C SER C 77 -28.91 33.09 -1.16
N LYS C 78 -29.05 31.84 -0.73
CA LYS C 78 -30.03 31.41 0.27
C LYS C 78 -29.31 30.94 1.54
N THR C 79 -29.90 31.24 2.69
CA THR C 79 -29.33 30.84 3.97
C THR C 79 -29.58 29.38 4.32
N GLY C 80 -28.69 28.82 5.13
CA GLY C 80 -28.82 27.44 5.59
C GLY C 80 -29.00 26.33 4.57
N GLU C 81 -28.38 26.48 3.40
CA GLU C 81 -28.48 25.47 2.36
C GLU C 81 -27.70 24.21 2.72
N LEU C 82 -28.05 23.08 2.09
CA LEU C 82 -27.33 21.82 2.34
C LEU C 82 -26.23 21.72 1.29
N CYS C 83 -25.00 21.48 1.74
CA CYS C 83 -23.86 21.39 0.83
C CYS C 83 -23.59 19.97 0.31
N ALA C 84 -23.73 18.97 1.18
CA ALA C 84 -23.49 17.59 0.78
C ALA C 84 -23.97 16.64 1.88
N ALA C 85 -24.23 15.40 1.48
CA ALA C 85 -24.69 14.39 2.42
C ALA C 85 -24.20 13.00 2.00
N PHE C 86 -23.97 12.14 2.99
CA PHE C 86 -23.56 10.77 2.72
C PHE C 86 -23.61 9.90 3.96
N ARG C 87 -23.71 8.60 3.73
CA ARG C 87 -23.79 7.64 4.83
C ARG C 87 -22.45 7.44 5.49
N ALA C 88 -22.48 7.18 6.79
CA ALA C 88 -21.26 6.95 7.53
C ALA C 88 -20.84 5.47 7.47
N ASP C 89 -21.71 4.61 6.93
CA ASP C 89 -21.42 3.18 6.81
C ASP C 89 -20.14 3.02 5.98
N PRO C 90 -19.04 2.64 6.65
CA PRO C 90 -17.71 2.44 6.03
C PRO C 90 -17.53 1.22 5.13
N GLY C 91 -18.25 0.14 5.42
CA GLY C 91 -18.10 -1.05 4.62
C GLY C 91 -19.15 -1.10 3.52
N ARG C 92 -19.89 -0.02 3.39
CA ARG C 92 -20.97 0.08 2.40
C ARG C 92 -20.49 0.73 1.10
N ASP C 93 -21.14 0.34 0.00
CA ASP C 93 -20.81 0.88 -1.31
C ASP C 93 -21.11 2.37 -1.24
N GLY C 94 -20.18 3.16 -1.75
CA GLY C 94 -20.36 4.59 -1.71
C GLY C 94 -19.03 5.29 -1.53
N PRO C 95 -19.06 6.51 -1.02
CA PRO C 95 -17.87 7.32 -0.79
C PRO C 95 -16.72 6.60 -0.07
N TRP C 96 -17.07 5.78 0.91
CA TRP C 96 -16.05 5.09 1.68
C TRP C 96 -15.20 4.09 0.92
N GLN C 97 -15.74 3.55 -0.16
CA GLN C 97 -15.00 2.59 -0.94
C GLN C 97 -13.64 3.09 -1.40
N SER C 98 -13.52 4.41 -1.56
CA SER C 98 -12.28 5.00 -2.04
C SER C 98 -11.19 5.09 -0.99
N THR C 99 -11.54 4.85 0.28
CA THR C 99 -10.58 4.93 1.36
C THR C 99 -9.97 3.58 1.69
N ILE C 100 -8.70 3.62 2.09
CA ILE C 100 -7.99 2.41 2.45
C ILE C 100 -8.79 1.70 3.57
N LEU C 101 -9.41 2.50 4.44
CA LEU C 101 -10.21 1.96 5.54
C LEU C 101 -11.36 1.12 5.00
N GLY C 102 -12.16 1.70 4.11
CA GLY C 102 -13.28 0.97 3.55
C GLY C 102 -12.86 -0.29 2.80
N GLN C 103 -11.77 -0.21 2.06
CA GLN C 103 -11.31 -1.37 1.30
C GLN C 103 -10.88 -2.50 2.21
N LEU C 104 -10.21 -2.14 3.30
CA LEU C 104 -9.73 -3.12 4.25
C LEU C 104 -10.83 -3.77 5.08
N CYS C 105 -11.77 -2.97 5.57
CA CYS C 105 -12.82 -3.59 6.37
C CYS C 105 -13.73 -4.47 5.52
N ARG C 106 -13.55 -4.43 4.21
CA ARG C 106 -14.33 -5.27 3.30
C ARG C 106 -13.70 -6.67 3.27
N TYR C 107 -12.62 -6.84 4.02
CA TYR C 107 -11.94 -8.13 4.14
C TYR C 107 -12.34 -8.74 5.50
N TYR C 108 -13.30 -8.10 6.16
CA TYR C 108 -13.81 -8.55 7.45
C TYR C 108 -15.31 -8.42 7.48
N THR C 109 -15.98 -9.36 8.14
CA THR C 109 -17.43 -9.36 8.21
C THR C 109 -18.02 -8.31 9.13
N GLN C 110 -17.38 -8.06 10.26
CA GLN C 110 -17.88 -7.09 11.23
C GLN C 110 -16.81 -6.11 11.69
N TRP C 111 -17.27 -5.02 12.26
CA TRP C 111 -16.38 -3.99 12.76
C TRP C 111 -17.02 -3.30 13.94
N SER C 112 -16.23 -2.48 14.63
CA SER C 112 -16.70 -1.74 15.79
C SER C 112 -15.73 -0.63 16.09
N GLY C 113 -16.26 0.50 16.55
CA GLY C 113 -15.42 1.61 16.89
C GLY C 113 -15.83 2.95 16.31
N SER C 114 -15.10 3.98 16.70
CA SER C 114 -15.37 5.32 16.24
C SER C 114 -14.57 5.66 15.00
N LEU C 115 -15.14 6.51 14.17
CA LEU C 115 -14.49 6.92 12.94
C LEU C 115 -14.31 8.42 12.99
N GLU C 116 -13.41 8.93 12.15
CA GLU C 116 -13.21 10.37 12.09
C GLU C 116 -13.08 10.81 10.64
N VAL C 117 -13.70 11.94 10.33
CA VAL C 117 -13.63 12.48 8.98
C VAL C 117 -13.05 13.88 9.10
N THR C 118 -11.99 14.15 8.34
CA THR C 118 -11.38 15.46 8.37
C THR C 118 -11.65 16.15 7.05
N PHE C 119 -12.11 17.39 7.14
CA PHE C 119 -12.42 18.19 5.97
C PHE C 119 -11.37 19.25 5.82
N MET C 120 -10.86 19.39 4.61
CA MET C 120 -9.86 20.39 4.34
C MET C 120 -10.37 21.38 3.29
N PHE C 121 -10.35 22.66 3.64
CA PHE C 121 -10.79 23.71 2.75
C PHE C 121 -9.63 24.17 1.87
N ALA C 122 -9.78 24.05 0.55
CA ALA C 122 -8.72 24.44 -0.37
C ALA C 122 -9.05 25.68 -1.18
N GLY C 123 -9.83 26.58 -0.59
CA GLY C 123 -10.18 27.81 -1.26
C GLY C 123 -9.06 28.80 -1.08
N SER C 124 -9.25 30.02 -1.57
CA SER C 124 -8.24 31.06 -1.44
C SER C 124 -8.16 31.45 0.02
N PHE C 125 -7.06 32.06 0.40
CA PHE C 125 -6.89 32.51 1.78
C PHE C 125 -7.90 33.60 2.16
N MET C 126 -8.34 34.40 1.20
CA MET C 126 -9.27 35.49 1.47
C MET C 126 -10.72 35.08 1.69
N ALA C 127 -11.00 33.80 1.48
CA ALA C 127 -12.36 33.29 1.67
C ALA C 127 -12.57 32.92 3.14
N THR C 128 -13.74 33.23 3.66
CA THR C 128 -14.08 32.91 5.05
C THR C 128 -15.49 32.34 5.07
N GLY C 129 -15.90 31.79 6.20
CA GLY C 129 -17.24 31.24 6.30
C GLY C 129 -17.31 30.13 7.32
N LYS C 130 -18.52 29.83 7.81
CA LYS C 130 -18.74 28.78 8.79
C LYS C 130 -19.70 27.72 8.26
N MET C 131 -19.37 26.45 8.48
CA MET C 131 -20.21 25.32 8.07
C MET C 131 -20.64 24.51 9.29
N LEU C 132 -21.80 23.85 9.19
CA LEU C 132 -22.31 23.02 10.28
C LEU C 132 -22.20 21.59 9.76
N ILE C 133 -21.45 20.74 10.45
CA ILE C 133 -21.31 19.36 10.01
C ILE C 133 -21.95 18.47 11.05
N ALA C 134 -22.88 17.64 10.61
CA ALA C 134 -23.59 16.79 11.57
C ALA C 134 -23.61 15.33 11.22
N TYR C 135 -23.71 14.53 12.28
CA TYR C 135 -23.80 13.08 12.18
C TYR C 135 -25.14 12.74 12.83
N THR C 136 -26.04 12.18 12.05
CA THR C 136 -27.35 11.82 12.56
C THR C 136 -27.39 10.33 12.77
N PRO C 137 -27.52 9.89 14.02
CA PRO C 137 -27.57 8.45 14.31
C PRO C 137 -28.77 7.81 13.61
N PRO C 138 -28.78 6.47 13.55
CA PRO C 138 -29.86 5.71 12.90
C PRO C 138 -31.27 6.14 13.27
N GLY C 139 -32.19 5.90 12.34
CA GLY C 139 -33.57 6.24 12.59
C GLY C 139 -34.10 7.26 11.62
N GLY C 140 -33.53 8.46 11.66
CA GLY C 140 -34.00 9.49 10.76
C GLY C 140 -33.34 9.46 9.40
N ASN C 141 -34.13 9.67 8.36
CA ASN C 141 -33.59 9.70 7.01
C ASN C 141 -32.74 10.97 6.97
N VAL C 142 -32.37 11.41 5.77
CA VAL C 142 -31.57 12.63 5.65
C VAL C 142 -32.38 13.82 6.19
N PRO C 143 -31.81 14.54 7.18
CA PRO C 143 -32.53 15.69 7.75
C PRO C 143 -32.95 16.64 6.62
N ALA C 144 -34.20 17.08 6.65
CA ALA C 144 -34.71 17.96 5.62
C ALA C 144 -34.06 19.35 5.61
N ASP C 145 -33.85 19.90 6.80
CA ASP C 145 -33.25 21.22 6.91
C ASP C 145 -32.19 21.25 8.00
N ARG C 146 -31.37 22.30 7.97
CA ARG C 146 -30.31 22.45 8.92
C ARG C 146 -30.81 22.45 10.36
N ILE C 147 -31.98 23.02 10.60
CA ILE C 147 -32.51 23.07 11.95
C ILE C 147 -32.82 21.69 12.51
N THR C 148 -33.03 20.70 11.64
CA THR C 148 -33.32 19.35 12.09
C THR C 148 -32.01 18.62 12.35
N ALA C 149 -31.11 18.69 11.36
CA ALA C 149 -29.81 18.05 11.45
C ALA C 149 -29.03 18.51 12.67
N MET C 150 -29.22 19.78 13.01
CA MET C 150 -28.54 20.40 14.15
C MET C 150 -28.81 19.69 15.48
N LEU C 151 -29.87 18.89 15.54
CA LEU C 151 -30.25 18.16 16.77
C LEU C 151 -29.36 16.96 17.06
N GLY C 152 -28.52 16.60 16.09
CA GLY C 152 -27.65 15.47 16.25
C GLY C 152 -26.24 15.90 16.63
N THR C 153 -25.31 14.95 16.57
CA THR C 153 -23.94 15.22 16.91
C THR C 153 -23.34 16.10 15.83
N HIS C 154 -22.81 17.26 16.23
CA HIS C 154 -22.26 18.15 15.23
C HIS C 154 -21.10 19.01 15.67
N VAL C 155 -20.48 19.63 14.68
CA VAL C 155 -19.34 20.52 14.86
C VAL C 155 -19.60 21.71 13.97
N ILE C 156 -19.23 22.89 14.44
CA ILE C 156 -19.40 24.11 13.65
C ILE C 156 -18.01 24.60 13.30
N TRP C 157 -17.71 24.54 12.01
CA TRP C 157 -16.41 24.88 11.46
C TRP C 157 -16.28 26.25 10.81
N ASP C 158 -15.11 26.86 10.94
CA ASP C 158 -14.86 28.16 10.34
C ASP C 158 -13.55 28.09 9.53
N PHE C 159 -13.56 28.52 8.27
CA PHE C 159 -12.33 28.47 7.47
C PHE C 159 -11.28 29.45 7.95
N GLY C 160 -11.52 30.74 7.72
CA GLY C 160 -10.56 31.75 8.13
C GLY C 160 -9.77 31.26 9.29
N LEU C 161 -10.50 30.65 10.22
CA LEU C 161 -9.97 30.08 11.42
C LEU C 161 -8.95 28.99 11.09
N GLN C 162 -9.41 27.76 10.94
CA GLN C 162 -8.47 26.70 10.59
C GLN C 162 -8.84 26.08 9.24
N SER C 163 -7.83 25.71 8.45
CA SER C 163 -8.11 25.14 7.13
C SER C 163 -8.74 23.76 7.16
N SER C 164 -8.49 23.02 8.23
CA SER C 164 -9.05 21.67 8.37
C SER C 164 -9.87 21.56 9.64
N VAL C 165 -10.76 20.56 9.68
CA VAL C 165 -11.59 20.34 10.85
C VAL C 165 -11.90 18.85 10.89
N THR C 166 -12.09 18.32 12.09
CA THR C 166 -12.38 16.91 12.24
C THR C 166 -13.69 16.60 12.93
N LEU C 167 -14.54 15.88 12.22
CA LEU C 167 -15.82 15.45 12.76
C LEU C 167 -15.57 14.05 13.27
N VAL C 168 -16.07 13.76 14.47
CA VAL C 168 -15.88 12.43 14.99
C VAL C 168 -17.21 11.71 14.92
N VAL C 169 -17.17 10.47 14.45
CA VAL C 169 -18.38 9.68 14.38
C VAL C 169 -18.29 8.65 15.50
N PRO C 170 -18.85 9.01 16.66
CA PRO C 170 -18.84 8.16 17.84
C PRO C 170 -19.50 6.84 17.57
N TRP C 171 -18.98 5.80 18.18
CA TRP C 171 -19.58 4.50 18.00
C TRP C 171 -20.86 4.55 18.79
N ILE C 172 -21.99 4.63 18.09
CA ILE C 172 -23.28 4.65 18.74
C ILE C 172 -24.09 3.55 18.10
N SER C 173 -24.04 2.37 18.71
CA SER C 173 -24.73 1.21 18.21
C SER C 173 -25.46 0.50 19.33
N ASN C 174 -26.35 -0.40 18.95
CA ASN C 174 -27.07 -1.18 19.93
C ASN C 174 -26.18 -2.38 20.19
N THR C 175 -25.72 -3.00 19.11
CA THR C 175 -24.83 -4.16 19.16
C THR C 175 -23.37 -3.72 19.31
N HIS C 176 -22.56 -4.57 19.93
CA HIS C 176 -21.13 -4.32 20.14
C HIS C 176 -20.38 -4.25 18.83
N TYR C 177 -20.92 -4.92 17.82
CA TYR C 177 -20.31 -4.96 16.50
C TYR C 177 -21.37 -4.81 15.43
N ARG C 178 -20.98 -4.23 14.30
CA ARG C 178 -21.86 -4.06 13.17
C ARG C 178 -21.33 -4.91 12.00
N ALA C 179 -22.25 -5.50 11.24
CA ALA C 179 -21.87 -6.27 10.07
C ALA C 179 -21.99 -5.22 8.98
N HIS C 180 -21.45 -5.48 7.79
CA HIS C 180 -21.56 -4.47 6.74
C HIS C 180 -23.00 -4.21 6.38
N ALA C 181 -23.38 -2.94 6.43
CA ALA C 181 -24.74 -2.53 6.13
C ALA C 181 -24.98 -2.43 4.64
N ARG C 182 -26.19 -2.82 4.24
CA ARG C 182 -26.62 -2.75 2.86
C ARG C 182 -28.13 -2.76 2.91
N ALA C 183 -28.76 -2.48 1.78
CA ALA C 183 -30.22 -2.46 1.75
C ALA C 183 -30.76 -3.82 2.17
N GLY C 184 -31.91 -3.81 2.82
CA GLY C 184 -32.51 -5.06 3.27
C GLY C 184 -32.36 -5.21 4.76
N TYR C 185 -32.44 -6.44 5.24
CA TYR C 185 -32.33 -6.71 6.66
C TYR C 185 -31.06 -6.11 7.27
N PHE C 186 -29.97 -6.09 6.52
CA PHE C 186 -28.74 -5.56 7.05
C PHE C 186 -28.66 -4.05 7.19
N ASP C 187 -29.74 -3.36 6.90
CA ASP C 187 -29.78 -1.91 7.02
C ASP C 187 -29.86 -1.62 8.54
N TYR C 188 -30.04 -2.70 9.28
CA TYR C 188 -30.10 -2.68 10.73
C TYR C 188 -28.76 -2.21 11.31
N TYR C 189 -27.68 -2.53 10.61
CA TYR C 189 -26.34 -2.16 11.04
C TYR C 189 -25.88 -0.85 10.44
N THR C 190 -26.80 -0.05 9.92
CA THR C 190 -26.38 1.22 9.35
C THR C 190 -25.82 2.05 10.48
N THR C 191 -24.84 2.89 10.14
CA THR C 191 -24.18 3.74 11.10
C THR C 191 -24.87 5.09 11.22
N GLY C 192 -25.39 5.59 10.09
CA GLY C 192 -26.05 6.87 10.13
C GLY C 192 -25.72 7.78 8.95
N ILE C 193 -26.05 9.05 9.10
CA ILE C 193 -25.84 10.01 8.03
C ILE C 193 -25.06 11.24 8.42
N ILE C 194 -24.20 11.66 7.51
CA ILE C 194 -23.40 12.84 7.70
C ILE C 194 -23.89 13.91 6.74
N THR C 195 -24.12 15.10 7.28
CA THR C 195 -24.61 16.22 6.48
C THR C 195 -23.76 17.46 6.71
N ILE C 196 -23.57 18.24 5.64
CA ILE C 196 -22.77 19.45 5.71
C ILE C 196 -23.64 20.60 5.28
N TRP C 197 -23.83 21.56 6.17
CA TRP C 197 -24.67 22.71 5.91
C TRP C 197 -23.90 24.03 6.01
N TYR C 198 -24.48 25.07 5.43
CA TYR C 198 -23.89 26.40 5.49
C TYR C 198 -24.38 27.02 6.80
N GLN C 199 -23.45 27.27 7.72
CA GLN C 199 -23.84 27.89 8.99
C GLN C 199 -24.08 29.36 8.69
N THR C 200 -23.11 30.00 8.03
CA THR C 200 -23.27 31.39 7.62
C THR C 200 -23.25 31.38 6.10
N ASN C 201 -22.11 31.68 5.50
CA ASN C 201 -21.99 31.69 4.04
C ASN C 201 -20.54 31.78 3.58
N TYR C 202 -20.27 31.30 2.37
CA TYR C 202 -18.93 31.38 1.80
C TYR C 202 -18.82 32.83 1.34
N VAL C 203 -17.99 33.60 2.03
CA VAL C 203 -17.82 35.01 1.71
C VAL C 203 -16.42 35.24 1.15
N VAL C 204 -16.37 36.09 0.13
CA VAL C 204 -15.11 36.35 -0.50
C VAL C 204 -15.15 37.79 -1.00
N PRO C 205 -13.98 38.43 -1.12
CA PRO C 205 -14.00 39.81 -1.59
C PRO C 205 -13.81 39.86 -3.09
N ILE C 206 -13.71 41.07 -3.62
CA ILE C 206 -13.51 41.24 -5.05
C ILE C 206 -12.13 40.66 -5.34
N GLY C 207 -11.98 39.92 -6.43
CA GLY C 207 -10.67 39.40 -6.77
C GLY C 207 -10.40 37.92 -6.53
N ALA C 208 -11.30 37.27 -5.81
CA ALA C 208 -11.13 35.86 -5.51
C ALA C 208 -12.29 35.00 -6.01
N PRO C 209 -11.98 33.75 -6.39
CA PRO C 209 -12.98 32.79 -6.90
C PRO C 209 -14.19 32.69 -6.00
N THR C 210 -15.37 32.53 -6.61
CA THR C 210 -16.61 32.42 -5.86
C THR C 210 -16.98 30.97 -5.63
N THR C 211 -16.09 30.07 -6.04
CA THR C 211 -16.29 28.64 -5.86
C THR C 211 -14.94 28.01 -5.54
N ALA C 212 -14.92 27.20 -4.48
CA ALA C 212 -13.71 26.52 -4.06
C ALA C 212 -14.10 25.09 -3.67
N TYR C 213 -13.10 24.27 -3.37
CA TYR C 213 -13.39 22.89 -3.01
C TYR C 213 -12.91 22.41 -1.65
N ILE C 214 -13.48 21.30 -1.22
CA ILE C 214 -13.13 20.69 0.05
C ILE C 214 -12.76 19.23 -0.20
N VAL C 215 -11.73 18.77 0.51
CA VAL C 215 -11.29 17.38 0.40
C VAL C 215 -11.66 16.72 1.69
N ALA C 216 -12.28 15.54 1.61
CA ALA C 216 -12.67 14.81 2.80
C ALA C 216 -11.76 13.61 2.99
N LEU C 217 -11.16 13.53 4.16
CA LEU C 217 -10.26 12.44 4.51
C LEU C 217 -10.90 11.65 5.64
N ALA C 218 -10.77 10.33 5.59
CA ALA C 218 -11.37 9.51 6.64
C ALA C 218 -10.47 8.37 7.09
N ALA C 219 -10.65 8.01 8.36
CA ALA C 219 -9.87 6.94 8.98
C ALA C 219 -10.56 6.52 10.28
N ALA C 220 -10.01 5.49 10.90
CA ALA C 220 -10.57 4.99 12.14
C ALA C 220 -9.81 5.51 13.35
N GLN C 221 -10.47 5.46 14.50
CA GLN C 221 -9.86 5.89 15.74
C GLN C 221 -9.28 4.68 16.49
N ASP C 222 -8.64 4.94 17.62
CA ASP C 222 -8.01 3.89 18.40
C ASP C 222 -8.89 2.73 18.87
N ASN C 223 -10.18 2.98 19.09
CA ASN C 223 -11.11 1.95 19.57
C ASN C 223 -11.68 1.05 18.48
N PHE C 224 -11.20 1.26 17.27
CA PHE C 224 -11.67 0.52 16.11
C PHE C 224 -11.00 -0.84 16.03
N THR C 225 -11.82 -1.86 15.74
CA THR C 225 -11.35 -3.23 15.58
C THR C 225 -12.28 -3.93 14.60
N MET C 226 -11.84 -5.04 14.04
CA MET C 226 -12.65 -5.78 13.09
C MET C 226 -12.53 -7.26 13.40
N LYS C 227 -13.55 -8.03 13.02
CA LYS C 227 -13.49 -9.47 13.22
C LYS C 227 -14.19 -10.24 12.10
N LEU C 228 -13.89 -11.53 12.06
CA LEU C 228 -14.44 -12.47 11.08
C LEU C 228 -13.94 -12.17 9.68
N CYS C 229 -12.72 -12.61 9.46
CA CYS C 229 -12.00 -12.46 8.21
C CYS C 229 -12.70 -13.13 7.03
N LYS C 230 -12.98 -12.36 5.97
CA LYS C 230 -13.65 -12.90 4.78
C LYS C 230 -13.04 -12.37 3.49
N ASP C 231 -13.53 -12.86 2.36
CA ASP C 231 -13.05 -12.40 1.06
C ASP C 231 -13.77 -11.13 0.65
N THR C 232 -13.06 -10.26 -0.06
CA THR C 232 -13.61 -8.99 -0.50
C THR C 232 -14.38 -9.15 -1.80
N GLU C 233 -15.47 -8.39 -1.92
CA GLU C 233 -16.29 -8.42 -3.11
C GLU C 233 -15.70 -7.44 -4.12
N ASP C 234 -14.84 -6.55 -3.64
CA ASP C 234 -14.20 -5.51 -4.46
C ASP C 234 -13.08 -5.92 -5.44
N ILE C 235 -12.91 -7.22 -5.70
CA ILE C 235 -11.90 -7.61 -6.69
C ILE C 235 -12.42 -8.79 -7.48
N GLU C 236 -12.19 -8.75 -8.79
CA GLU C 236 -12.66 -9.85 -9.60
C GLU C 236 -11.74 -10.32 -10.71
N GLN C 237 -11.84 -11.62 -10.92
CA GLN C 237 -11.10 -12.35 -11.92
C GLN C 237 -12.12 -12.42 -13.04
N THR C 238 -12.40 -11.24 -13.61
CA THR C 238 -13.35 -11.11 -14.69
C THR C 238 -12.95 -12.03 -15.86
N ALA C 239 -11.66 -12.06 -16.16
CA ALA C 239 -11.09 -12.89 -17.23
C ALA C 239 -9.81 -13.57 -16.71
N ASN C 240 -9.09 -14.27 -17.57
CA ASN C 240 -7.86 -14.92 -17.13
C ASN C 240 -6.67 -13.98 -17.18
N ILE C 241 -5.88 -14.01 -16.12
CA ILE C 241 -4.69 -13.18 -16.03
C ILE C 241 -3.56 -13.95 -16.72
N GLN C 242 -2.96 -13.31 -17.73
CA GLN C 242 -1.91 -13.95 -18.52
C GLN C 242 -0.49 -13.51 -18.19
#